data_5I5T
#
_entry.id   5I5T
#
_cell.length_a   69.030
_cell.length_b   106.100
_cell.length_c   107.798
_cell.angle_alpha   90.000
_cell.angle_beta   90.000
_cell.angle_gamma   90.000
#
_symmetry.space_group_name_H-M   'P 21 21 21'
#
loop_
_entity.id
_entity.type
_entity.pdbx_description
1 polymer 'Branched-chain-amino-acid aminotransferase, mitochondrial'
2 non-polymer "PYRIDOXAL-5'-PHOSPHATE"
3 non-polymer (3R)-3-methyl-1,2,3,4-tetrahydroquinoline-8-sulfonamide
4 non-polymer 'CHLORIDE ION'
5 non-polymer 1,2-ETHANEDIOL
6 non-polymer 'DIMETHYL SULFOXIDE'
7 water water
#
_entity_poly.entity_id   1
_entity_poly.type   'polypeptide(L)'
_entity_poly.pdbx_seq_one_letter_code
;GSHMASSSFKAADLQLEMTQKPHKKPGPGEPLVFGKTFTDHMLMVEWNDKGWGQPRIQPFQNLTLHPASSSLHYSLQLFE
GMKAFKGKDQQVRLFRPWLNMDRMLRSAMRLCLPSFDKLELLECIRRLIEVDKDWVPDAAGTSLYVRPVLIGNEPSLGVS
QPTRALLFVILCPVGAYFPGGSVTPVSLLADPAFIRAWVGGVGNYKLGGNYGPTVLVQQEALKRGCEQVLWLYGPDHQLT
EVGTMNIFVYWTHEDGVLELVTPPLNGVILPGVVRQSLLDMAQTWGEFRVVERTITMKQLLRALEEGRVREVFGSGTACQ
VCPVHRILYKDRNLHIPTMENGPELILRFQKELKEIQYGIRAHEWMFPV
;
_entity_poly.pdbx_strand_id   A,B
#
# COMPACT_ATOMS: atom_id res chain seq x y z
N SER A 7 -13.16 -3.67 24.83
CA SER A 7 -12.64 -3.83 23.44
C SER A 7 -13.21 -2.78 22.44
N SER A 8 -13.61 -1.61 22.95
CA SER A 8 -13.93 -0.47 22.10
C SER A 8 -13.97 0.80 22.90
N PHE A 9 -13.52 1.89 22.29
CA PHE A 9 -13.68 3.23 22.87
C PHE A 9 -15.19 3.56 22.89
N LYS A 10 -15.58 4.46 23.80
CA LYS A 10 -16.98 4.82 23.99
C LYS A 10 -17.09 6.30 23.79
N ALA A 11 -18.14 6.71 23.09
CA ALA A 11 -18.41 8.11 22.87
C ALA A 11 -18.70 8.76 24.20
N ALA A 12 -19.18 8.01 25.17
CA ALA A 12 -19.49 8.60 26.47
C ALA A 12 -18.23 9.10 27.19
N ASP A 13 -17.07 8.53 26.83
CA ASP A 13 -15.79 8.92 27.42
C ASP A 13 -15.07 10.00 26.63
N LEU A 14 -15.73 10.52 25.59
CA LEU A 14 -15.13 11.57 24.80
C LEU A 14 -14.61 12.71 25.65
N GLN A 15 -13.35 13.10 25.42
N GLN A 15 -13.37 13.12 25.36
CA GLN A 15 -12.80 14.28 26.08
CA GLN A 15 -12.72 14.23 26.02
C GLN A 15 -12.68 15.35 25.00
C GLN A 15 -12.66 15.35 24.97
N LEU A 16 -13.15 16.54 25.32
CA LEU A 16 -13.16 17.67 24.38
C LEU A 16 -12.10 18.65 24.75
N GLU A 17 -11.29 19.02 23.78
CA GLU A 17 -10.33 20.07 23.93
C GLU A 17 -10.55 21.03 22.80
N MET A 18 -11.28 22.10 23.08
CA MET A 18 -11.55 23.10 22.06
C MET A 18 -10.28 23.86 21.75
N THR A 19 -10.25 24.42 20.56
CA THR A 19 -9.08 25.08 20.03
C THR A 19 -8.99 26.49 20.58
N GLN A 20 -7.76 26.96 20.74
CA GLN A 20 -7.45 28.31 21.19
C GLN A 20 -6.87 29.15 20.02
N LYS A 21 -6.75 28.55 18.83
CA LYS A 21 -6.28 29.26 17.63
C LYS A 21 -7.11 28.83 16.45
N PRO A 22 -8.35 29.31 16.36
CA PRO A 22 -9.26 28.90 15.28
C PRO A 22 -8.81 29.37 13.88
N HIS A 23 -8.84 28.45 12.91
CA HIS A 23 -8.50 28.76 11.51
C HIS A 23 -9.49 29.78 10.95
N LYS A 24 -8.99 30.67 10.11
CA LYS A 24 -9.83 31.59 9.34
C LYS A 24 -10.58 30.72 8.33
N LYS A 25 -11.91 30.73 8.37
CA LYS A 25 -12.71 29.92 7.44
C LYS A 25 -12.63 30.48 6.01
N PRO A 26 -12.82 29.63 4.98
CA PRO A 26 -12.66 30.06 3.59
C PRO A 26 -13.60 31.20 3.22
N GLY A 27 -13.06 32.21 2.53
CA GLY A 27 -13.83 33.38 2.12
C GLY A 27 -14.85 33.09 1.02
N PRO A 28 -14.99 34.01 0.05
CA PRO A 28 -15.92 33.77 -1.06
C PRO A 28 -15.22 33.29 -2.34
N PRO A 31 -13.63 29.81 -3.10
CA PRO A 31 -13.25 28.80 -4.10
C PRO A 31 -12.56 27.58 -3.45
N LEU A 32 -13.37 26.57 -3.09
CA LEU A 32 -12.87 25.40 -2.36
C LEU A 32 -12.15 24.39 -3.26
N VAL A 33 -10.92 24.05 -2.88
CA VAL A 33 -10.14 23.02 -3.55
C VAL A 33 -10.32 21.75 -2.73
N PHE A 34 -10.68 20.64 -3.38
CA PHE A 34 -10.96 19.41 -2.64
C PHE A 34 -9.77 18.84 -1.86
N GLY A 35 -9.98 18.68 -0.55
CA GLY A 35 -9.05 18.03 0.33
C GLY A 35 -7.83 18.84 0.74
N LYS A 36 -7.86 20.14 0.50
CA LYS A 36 -6.75 21.01 0.87
C LYS A 36 -7.00 21.84 2.11
N THR A 37 -8.26 22.03 2.48
CA THR A 37 -8.65 22.91 3.61
C THR A 37 -9.21 22.11 4.75
N PHE A 38 -8.70 22.34 5.94
CA PHE A 38 -9.11 21.54 7.08
C PHE A 38 -9.80 22.36 8.14
N THR A 39 -10.73 21.72 8.86
CA THR A 39 -11.47 22.35 9.96
C THR A 39 -10.60 22.46 11.22
N ASP A 40 -11.16 23.05 12.27
CA ASP A 40 -10.41 23.37 13.50
C ASP A 40 -10.07 22.19 14.37
N HIS A 41 -10.93 21.18 14.37
CA HIS A 41 -10.73 20.03 15.25
C HIS A 41 -10.59 18.69 14.53
N MET A 42 -10.21 17.68 15.30
CA MET A 42 -10.04 16.33 14.78
C MET A 42 -10.41 15.30 15.82
N LEU A 43 -10.79 14.10 15.37
CA LEU A 43 -10.99 13.01 16.29
C LEU A 43 -9.66 12.25 16.40
N MET A 44 -9.38 11.71 17.58
CA MET A 44 -8.16 10.96 17.86
C MET A 44 -8.41 9.90 18.91
N VAL A 45 -8.08 8.67 18.58
CA VAL A 45 -8.22 7.55 19.51
C VAL A 45 -7.01 6.63 19.30
N GLU A 46 -6.31 6.33 20.38
CA GLU A 46 -5.13 5.47 20.31
C GLU A 46 -5.49 4.10 20.84
N TRP A 47 -4.84 3.09 20.30
CA TRP A 47 -5.02 1.72 20.74
C TRP A 47 -3.66 1.15 21.10
N ASN A 48 -3.63 0.29 22.12
CA ASN A 48 -2.41 -0.48 22.47
C ASN A 48 -2.77 -1.74 23.25
N ASP A 49 -1.78 -2.37 23.89
CA ASP A 49 -2.04 -3.63 24.61
C ASP A 49 -3.09 -3.54 25.75
N LYS A 50 -3.34 -2.33 26.26
CA LYS A 50 -4.41 -2.07 27.24
C LYS A 50 -5.80 -1.89 26.61
N GLY A 51 -5.85 -1.79 25.28
CA GLY A 51 -7.09 -1.61 24.54
C GLY A 51 -7.19 -0.23 23.93
N TRP A 52 -8.39 0.17 23.58
CA TRP A 52 -8.61 1.50 23.08
C TRP A 52 -8.46 2.50 24.20
N GLY A 53 -7.80 3.61 23.93
CA GLY A 53 -7.73 4.68 24.91
C GLY A 53 -9.05 5.43 24.88
N GLN A 54 -9.06 6.62 25.48
CA GLN A 54 -10.26 7.41 25.46
C GLN A 54 -10.24 8.24 24.20
N PRO A 55 -11.39 8.39 23.54
CA PRO A 55 -11.40 9.22 22.34
C PRO A 55 -11.36 10.68 22.71
N ARG A 56 -10.75 11.48 21.86
CA ARG A 56 -10.77 12.91 22.06
C ARG A 56 -10.97 13.71 20.78
N ILE A 57 -11.65 14.83 20.96
CA ILE A 57 -11.82 15.81 19.93
C ILE A 57 -10.85 16.90 20.35
N GLN A 58 -9.90 17.20 19.49
CA GLN A 58 -8.87 18.12 19.91
C GLN A 58 -8.55 19.04 18.78
N PRO A 59 -7.78 20.10 19.05
CA PRO A 59 -7.43 20.97 17.93
C PRO A 59 -6.72 20.19 16.84
N PHE A 60 -6.92 20.64 15.62
CA PHE A 60 -6.30 20.01 14.46
C PHE A 60 -4.79 20.21 14.68
N GLN A 61 -4.04 19.11 14.68
CA GLN A 61 -2.57 19.17 14.92
C GLN A 61 -1.84 18.00 14.26
N ASN A 62 -0.52 18.11 14.21
CA ASN A 62 0.31 17.05 13.63
C ASN A 62 0.28 15.76 14.41
N LEU A 63 0.62 14.68 13.71
CA LEU A 63 0.77 13.36 14.34
C LEU A 63 2.26 13.23 14.72
N THR A 64 2.51 12.59 15.85
CA THR A 64 3.85 12.30 16.30
C THR A 64 4.01 10.78 16.14
N LEU A 65 4.94 10.37 15.29
CA LEU A 65 5.09 8.96 14.99
C LEU A 65 6.52 8.44 15.13
N HIS A 66 6.65 7.28 15.76
CA HIS A 66 7.93 6.59 15.85
C HIS A 66 8.43 6.33 14.42
N PRO A 67 9.74 6.47 14.19
CA PRO A 67 10.29 6.31 12.84
C PRO A 67 10.13 4.90 12.27
N ALA A 68 9.99 3.89 13.10
CA ALA A 68 9.71 2.53 12.63
C ALA A 68 8.22 2.22 12.51
N SER A 69 7.36 3.23 12.64
CA SER A 69 5.91 3.01 12.64
C SER A 69 5.48 2.13 11.49
N SER A 70 4.82 1.02 11.79
CA SER A 70 4.36 0.12 10.72
C SER A 70 3.41 0.79 9.72
N SER A 71 2.87 1.96 10.06
CA SER A 71 2.06 2.73 9.12
C SER A 71 2.89 3.23 7.93
N LEU A 72 4.19 3.44 8.15
CA LEU A 72 5.05 4.04 7.13
C LEU A 72 5.92 3.07 6.34
N HIS A 73 6.13 1.88 6.89
CA HIS A 73 7.00 0.89 6.33
C HIS A 73 6.22 -0.21 5.64
N TYR A 74 5.15 -0.68 6.27
CA TYR A 74 4.39 -1.79 5.72
C TYR A 74 2.95 -1.45 5.36
N SER A 75 2.65 -0.18 5.25
CA SER A 75 1.37 0.31 4.79
C SER A 75 0.18 -0.24 5.57
N LEU A 76 0.30 -0.24 6.90
CA LEU A 76 -0.82 -0.66 7.78
C LEU A 76 -1.69 0.57 7.98
N GLN A 77 -2.46 0.84 6.95
CA GLN A 77 -3.26 2.02 6.88
C GLN A 77 -4.49 1.77 6.04
N LEU A 78 -5.57 2.39 6.46
CA LEU A 78 -6.82 2.35 5.73
C LEU A 78 -7.52 3.67 6.00
N PHE A 79 -8.45 4.04 5.14
CA PHE A 79 -9.18 5.28 5.31
C PHE A 79 -10.61 5.15 4.83
N GLU A 80 -11.40 6.14 5.19
CA GLU A 80 -12.73 6.26 4.67
C GLU A 80 -12.94 7.64 4.13
N GLY A 81 -14.08 7.82 3.50
CA GLY A 81 -14.47 9.09 2.91
C GLY A 81 -15.99 9.11 2.83
N MET A 82 -16.62 10.10 3.47
CA MET A 82 -18.07 10.27 3.41
C MET A 82 -18.39 11.74 3.57
N LYS A 83 -19.63 12.12 3.32
CA LYS A 83 -20.04 13.52 3.34
C LYS A 83 -21.13 13.92 4.35
N ALA A 84 -21.02 15.14 4.84
CA ALA A 84 -22.07 15.73 5.65
C ALA A 84 -22.60 16.88 4.82
N PHE A 85 -23.92 17.01 4.80
CA PHE A 85 -24.56 18.04 3.99
C PHE A 85 -25.42 18.89 4.90
N LYS A 86 -25.41 20.20 4.64
CA LYS A 86 -26.22 21.17 5.36
C LYS A 86 -27.38 21.64 4.47
N GLY A 87 -28.62 21.34 4.86
CA GLY A 87 -29.79 21.83 4.13
C GLY A 87 -30.05 23.32 4.38
N LYS A 88 -31.06 23.89 3.74
CA LYS A 88 -31.35 25.32 3.94
C LYS A 88 -31.81 25.61 5.37
N ASP A 89 -32.44 24.63 6.02
CA ASP A 89 -32.83 24.77 7.42
C ASP A 89 -31.65 24.72 8.38
N GLN A 90 -30.43 24.60 7.85
CA GLN A 90 -29.18 24.55 8.63
C GLN A 90 -28.93 23.23 9.35
N GLN A 91 -29.77 22.23 9.11
CA GLN A 91 -29.56 20.91 9.69
C GLN A 91 -28.50 20.17 8.85
N VAL A 92 -27.48 19.65 9.53
CA VAL A 92 -26.40 18.91 8.90
C VAL A 92 -26.69 17.43 9.00
N ARG A 93 -26.49 16.70 7.92
CA ARG A 93 -26.75 15.27 7.90
C ARG A 93 -25.63 14.50 7.18
N LEU A 94 -25.31 13.32 7.71
CA LEU A 94 -24.35 12.41 7.10
C LEU A 94 -25.09 11.45 6.18
N PHE A 95 -24.53 11.22 4.99
CA PHE A 95 -25.12 10.29 4.00
C PHE A 95 -24.70 8.85 4.24
N ARG A 96 -25.66 8.00 4.59
CA ARG A 96 -25.48 6.57 4.85
C ARG A 96 -24.18 6.19 5.56
N PRO A 97 -23.84 6.92 6.62
CA PRO A 97 -22.54 6.72 7.28
C PRO A 97 -22.28 5.31 7.79
N TRP A 98 -23.34 4.54 8.04
CA TRP A 98 -23.23 3.20 8.58
C TRP A 98 -22.49 2.30 7.61
N LEU A 99 -22.70 2.55 6.32
CA LEU A 99 -22.03 1.77 5.30
C LEU A 99 -20.52 2.04 5.32
N ASN A 100 -20.12 3.28 5.58
CA ASN A 100 -18.71 3.63 5.71
C ASN A 100 -18.09 2.99 6.94
N MET A 101 -18.87 2.90 8.00
CA MET A 101 -18.41 2.31 9.25
C MET A 101 -18.21 0.83 9.00
N ASP A 102 -19.21 0.21 8.37
CA ASP A 102 -19.12 -1.20 7.95
C ASP A 102 -17.85 -1.45 7.13
N ARG A 103 -17.63 -0.60 6.13
CA ARG A 103 -16.50 -0.81 5.24
C ARG A 103 -15.15 -0.57 5.90
N MET A 104 -15.11 0.34 6.87
CA MET A 104 -13.88 0.66 7.57
C MET A 104 -13.44 -0.50 8.46
N LEU A 105 -14.43 -1.15 9.06
CA LEU A 105 -14.15 -2.23 9.96
C LEU A 105 -13.65 -3.42 9.13
N ARG A 106 -14.22 -3.64 7.95
CA ARG A 106 -13.73 -4.70 7.07
C ARG A 106 -12.28 -4.41 6.67
N SER A 107 -11.94 -3.17 6.33
CA SER A 107 -10.56 -2.84 6.01
C SER A 107 -9.62 -3.15 7.16
N ALA A 108 -10.02 -2.73 8.36
CA ALA A 108 -9.25 -2.97 9.56
C ALA A 108 -8.99 -4.44 9.80
N MET A 109 -9.99 -5.27 9.60
CA MET A 109 -9.81 -6.69 9.80
C MET A 109 -8.86 -7.27 8.74
N ARG A 110 -8.93 -6.76 7.52
CA ARG A 110 -8.04 -7.24 6.47
C ARG A 110 -6.57 -6.96 6.82
N LEU A 111 -6.28 -5.82 7.43
CA LEU A 111 -4.90 -5.50 7.84
C LEU A 111 -4.56 -5.83 9.29
N CYS A 112 -5.39 -6.64 9.95
CA CYS A 112 -5.15 -7.08 11.32
C CYS A 112 -5.02 -5.89 12.28
N LEU A 113 -5.77 -4.85 11.96
CA LEU A 113 -5.81 -3.66 12.78
C LEU A 113 -6.96 -3.83 13.76
N PRO A 114 -6.92 -3.11 14.88
CA PRO A 114 -7.93 -3.35 15.91
C PRO A 114 -9.38 -3.01 15.54
N SER A 115 -10.25 -3.91 15.93
CA SER A 115 -11.69 -3.74 15.84
C SER A 115 -12.16 -2.57 16.71
N PHE A 116 -13.33 -2.03 16.37
CA PHE A 116 -13.98 -0.99 17.16
C PHE A 116 -15.49 -1.09 16.97
N ASP A 117 -16.26 -0.37 17.79
CA ASP A 117 -17.73 -0.40 17.65
C ASP A 117 -18.15 0.68 16.68
N LYS A 118 -18.71 0.25 15.55
CA LYS A 118 -19.18 1.14 14.47
C LYS A 118 -20.08 2.27 14.93
N LEU A 119 -21.01 1.93 15.81
CA LEU A 119 -21.97 2.91 16.32
C LEU A 119 -21.30 3.90 17.28
N GLU A 120 -20.30 3.45 18.02
CA GLU A 120 -19.51 4.39 18.85
C GLU A 120 -18.67 5.35 18.02
N LEU A 121 -17.96 4.85 16.99
CA LEU A 121 -17.16 5.74 16.12
C LEU A 121 -18.09 6.72 15.41
N LEU A 122 -19.23 6.22 14.94
CA LEU A 122 -20.20 7.10 14.30
C LEU A 122 -20.61 8.25 15.24
N GLU A 123 -20.95 7.91 16.49
CA GLU A 123 -21.34 8.94 17.46
C GLU A 123 -20.17 9.90 17.66
N CYS A 124 -18.95 9.36 17.75
CA CYS A 124 -17.77 10.21 17.91
C CYS A 124 -17.62 11.14 16.72
N ILE A 125 -17.84 10.62 15.51
CA ILE A 125 -17.78 11.46 14.31
C ILE A 125 -18.89 12.50 14.32
N ARG A 126 -20.08 12.13 14.80
CA ARG A 126 -21.18 13.10 14.91
C ARG A 126 -20.74 14.23 15.84
N ARG A 127 -20.22 13.86 16.99
CA ARG A 127 -19.75 14.86 17.97
C ARG A 127 -18.68 15.76 17.39
N LEU A 128 -17.81 15.19 16.56
CA LEU A 128 -16.75 16.00 15.92
C LEU A 128 -17.34 17.00 14.93
N ILE A 129 -18.24 16.52 14.07
CA ILE A 129 -18.83 17.41 13.05
C ILE A 129 -19.67 18.47 13.77
N GLU A 130 -20.34 18.08 14.86
CA GLU A 130 -21.13 19.02 15.68
C GLU A 130 -20.24 20.15 16.21
N VAL A 131 -19.04 19.83 16.68
CA VAL A 131 -18.12 20.88 17.15
C VAL A 131 -17.80 21.86 16.02
N ASP A 132 -17.46 21.30 14.84
CA ASP A 132 -17.08 22.11 13.67
C ASP A 132 -18.24 22.37 12.70
N LYS A 133 -19.47 22.40 13.21
CA LYS A 133 -20.64 22.59 12.33
C LYS A 133 -20.59 23.82 11.45
N ASP A 134 -19.98 24.91 11.92
CA ASP A 134 -19.90 26.14 11.14
C ASP A 134 -18.93 26.04 9.97
N TRP A 135 -18.12 24.98 9.94
CA TRP A 135 -17.27 24.69 8.80
C TRP A 135 -18.06 24.11 7.63
N VAL A 136 -19.20 23.49 7.90
CA VAL A 136 -19.99 22.88 6.82
C VAL A 136 -20.63 23.95 5.94
N PRO A 137 -20.24 24.02 4.67
CA PRO A 137 -20.84 25.03 3.80
C PRO A 137 -22.28 24.68 3.43
N ASP A 138 -23.04 25.64 2.88
CA ASP A 138 -24.41 25.32 2.44
C ASP A 138 -24.77 25.78 1.03
N ALA A 139 -23.83 26.43 0.34
CA ALA A 139 -24.01 26.72 -1.08
C ALA A 139 -24.30 25.41 -1.88
N ALA A 140 -24.94 25.56 -3.04
CA ALA A 140 -25.34 24.40 -3.84
C ALA A 140 -24.14 23.56 -4.24
N GLY A 141 -24.24 22.25 -4.01
CA GLY A 141 -23.18 21.32 -4.38
C GLY A 141 -21.99 21.34 -3.44
N THR A 142 -22.18 21.92 -2.24
CA THR A 142 -21.12 21.93 -1.23
C THR A 142 -21.47 20.98 -0.10
N SER A 143 -20.44 20.49 0.57
CA SER A 143 -20.61 19.53 1.63
C SER A 143 -19.39 19.54 2.52
N LEU A 144 -19.39 18.72 3.56
CA LEU A 144 -18.21 18.53 4.39
C LEU A 144 -17.72 17.10 4.19
N TYR A 145 -16.51 16.98 3.68
CA TYR A 145 -15.89 15.68 3.47
C TYR A 145 -15.25 15.21 4.78
N VAL A 146 -15.59 13.99 5.17
CA VAL A 146 -15.14 13.39 6.40
C VAL A 146 -14.16 12.27 6.08
N ARG A 147 -12.91 12.40 6.57
CA ARG A 147 -11.82 11.44 6.34
C ARG A 147 -11.35 10.71 7.59
N PRO A 148 -11.97 9.58 7.91
CA PRO A 148 -11.41 8.78 8.98
C PRO A 148 -10.20 8.00 8.46
N VAL A 149 -9.27 7.72 9.36
CA VAL A 149 -8.07 6.95 9.05
C VAL A 149 -7.83 6.02 10.21
N LEU A 150 -7.39 4.80 9.92
CA LEU A 150 -6.91 3.87 10.94
C LEU A 150 -5.54 3.38 10.48
N ILE A 151 -4.52 3.56 11.32
CA ILE A 151 -3.15 3.15 11.02
C ILE A 151 -2.50 2.31 12.14
N GLY A 152 -1.66 1.35 11.74
CA GLY A 152 -0.84 0.60 12.68
C GLY A 152 0.25 1.53 13.18
N ASN A 153 0.73 1.30 14.39
CA ASN A 153 1.72 2.20 14.96
C ASN A 153 2.78 1.47 15.76
N GLU A 154 3.21 0.32 15.25
CA GLU A 154 4.23 -0.48 15.92
C GLU A 154 5.60 0.13 15.67
N PRO A 155 6.37 0.39 16.74
CA PRO A 155 7.73 0.92 16.56
C PRO A 155 8.73 -0.27 16.41
N SER A 156 8.44 -1.11 15.42
CA SER A 156 9.18 -2.34 15.17
C SER A 156 9.18 -2.61 13.68
N LEU A 157 10.33 -3.01 13.15
CA LEU A 157 10.49 -3.28 11.71
C LEU A 157 10.01 -4.66 11.28
N GLY A 158 9.59 -5.50 12.21
CA GLY A 158 8.97 -6.79 11.87
C GLY A 158 7.62 -6.56 11.18
N VAL A 159 7.33 -7.38 10.17
CA VAL A 159 6.06 -7.35 9.45
C VAL A 159 5.13 -8.23 10.22
N SER A 160 4.23 -7.63 10.99
CA SER A 160 3.37 -8.39 11.89
C SER A 160 2.16 -7.61 12.36
N GLN A 161 1.27 -8.27 13.09
CA GLN A 161 0.09 -7.61 13.64
C GLN A 161 0.50 -6.60 14.67
N PRO A 162 0.11 -5.33 14.48
CA PRO A 162 0.60 -4.35 15.40
C PRO A 162 -0.08 -4.49 16.75
N THR A 163 0.63 -4.04 17.78
CA THR A 163 0.17 -4.00 19.14
C THR A 163 -0.28 -2.58 19.49
N ARG A 164 0.01 -1.63 18.59
CA ARG A 164 -0.41 -0.24 18.72
C ARG A 164 -1.04 0.24 17.42
N ALA A 165 -2.13 0.99 17.53
CA ALA A 165 -2.78 1.55 16.38
C ALA A 165 -3.26 2.96 16.70
N LEU A 166 -3.70 3.66 15.68
CA LEU A 166 -4.10 5.05 15.80
C LEU A 166 -5.29 5.29 14.87
N LEU A 167 -6.41 5.73 15.45
CA LEU A 167 -7.63 6.03 14.68
C LEU A 167 -7.85 7.54 14.75
N PHE A 168 -7.93 8.19 13.60
CA PHE A 168 -8.22 9.62 13.58
C PHE A 168 -9.18 10.00 12.47
N VAL A 169 -9.72 11.21 12.60
CA VAL A 169 -10.71 11.74 11.66
C VAL A 169 -10.49 13.22 11.47
N ILE A 170 -10.36 13.63 10.22
CA ILE A 170 -10.21 15.04 9.89
C ILE A 170 -11.30 15.43 8.87
N LEU A 171 -11.54 16.73 8.74
CA LEU A 171 -12.67 17.24 7.98
C LEU A 171 -12.27 18.33 7.03
N CYS A 172 -12.92 18.37 5.86
CA CYS A 172 -12.64 19.38 4.84
C CYS A 172 -13.93 19.95 4.30
N PRO A 173 -14.11 21.27 4.35
CA PRO A 173 -15.25 21.79 3.60
C PRO A 173 -14.92 21.62 2.11
N VAL A 174 -15.85 21.09 1.32
CA VAL A 174 -15.57 20.89 -0.10
C VAL A 174 -16.65 21.45 -1.02
N GLY A 175 -16.25 21.67 -2.27
CA GLY A 175 -17.18 22.00 -3.35
C GLY A 175 -17.11 20.83 -4.31
N ALA A 176 -16.80 21.10 -5.58
CA ALA A 176 -16.65 20.03 -6.58
C ALA A 176 -15.25 19.42 -6.53
N TYR A 177 -15.14 18.17 -6.97
CA TYR A 177 -13.85 17.46 -6.98
C TYR A 177 -12.89 18.00 -8.05
N PHE A 178 -13.41 18.29 -9.24
CA PHE A 178 -12.64 18.96 -10.30
C PHE A 178 -13.49 20.07 -10.95
N PRO A 179 -12.85 21.09 -11.57
CA PRO A 179 -13.65 22.15 -12.22
C PRO A 179 -14.60 21.57 -13.27
N GLY A 180 -15.89 21.88 -13.13
CA GLY A 180 -16.93 21.32 -13.99
C GLY A 180 -17.29 19.90 -13.55
N GLY A 181 -17.02 19.60 -12.28
CA GLY A 181 -17.26 18.28 -11.71
C GLY A 181 -18.72 17.91 -11.73
N SER A 182 -18.99 16.65 -12.12
CA SER A 182 -20.35 16.07 -12.21
C SER A 182 -21.29 16.75 -13.23
N VAL A 183 -20.83 17.85 -13.81
CA VAL A 183 -21.59 18.57 -14.81
C VAL A 183 -20.90 18.36 -16.14
N THR A 184 -19.63 18.80 -16.21
CA THR A 184 -18.79 18.63 -17.40
C THR A 184 -18.22 17.19 -17.44
N PRO A 185 -18.41 16.49 -18.56
CA PRO A 185 -17.97 15.11 -18.59
C PRO A 185 -16.47 14.96 -18.70
N VAL A 186 -15.99 13.77 -18.39
CA VAL A 186 -14.56 13.49 -18.44
C VAL A 186 -14.16 12.46 -19.50
N SER A 187 -12.87 12.46 -19.79
CA SER A 187 -12.28 11.56 -20.78
C SER A 187 -11.39 10.56 -20.03
N LEU A 188 -11.37 9.33 -20.53
CA LEU A 188 -10.64 8.23 -19.87
C LEU A 188 -9.59 7.57 -20.73
N LEU A 189 -8.46 7.27 -20.11
CA LEU A 189 -7.45 6.42 -20.73
C LEU A 189 -7.74 4.96 -20.40
N ALA A 190 -7.99 4.14 -21.40
CA ALA A 190 -8.22 2.72 -21.15
C ALA A 190 -7.14 1.92 -21.84
N ASP A 191 -6.08 1.62 -21.07
CA ASP A 191 -4.99 0.78 -21.52
C ASP A 191 -4.85 -0.49 -20.64
N PRO A 192 -4.91 -1.67 -21.27
CA PRO A 192 -4.88 -2.91 -20.49
C PRO A 192 -3.57 -3.18 -19.74
N ALA A 193 -2.51 -2.43 -20.06
CA ALA A 193 -1.23 -2.53 -19.38
C ALA A 193 -1.29 -2.12 -17.89
N PHE A 194 -2.31 -1.34 -17.54
CA PHE A 194 -2.47 -0.85 -16.18
C PHE A 194 -3.43 -1.73 -15.37
N ILE A 195 -2.99 -2.18 -14.19
CA ILE A 195 -3.78 -3.02 -13.27
C ILE A 195 -3.98 -2.35 -11.88
N ARG A 196 -5.22 -2.09 -11.50
CA ARG A 196 -5.46 -1.48 -10.19
C ARG A 196 -5.54 -2.53 -9.10
N ALA A 197 -6.06 -3.69 -9.47
CA ALA A 197 -6.38 -4.74 -8.51
C ALA A 197 -6.51 -6.09 -9.21
N TRP A 198 -6.46 -7.15 -8.42
CA TRP A 198 -6.53 -8.50 -8.97
C TRP A 198 -7.30 -9.39 -8.02
N VAL A 199 -7.95 -10.39 -8.60
CA VAL A 199 -8.69 -11.38 -7.84
C VAL A 199 -7.72 -12.03 -6.85
N GLY A 200 -8.13 -12.10 -5.59
CA GLY A 200 -7.27 -12.59 -4.52
C GLY A 200 -6.37 -11.52 -3.91
N GLY A 201 -6.47 -10.27 -4.40
CA GLY A 201 -5.75 -9.11 -3.84
C GLY A 201 -6.58 -8.36 -2.78
N VAL A 202 -6.39 -7.05 -2.68
CA VAL A 202 -7.08 -6.23 -1.67
C VAL A 202 -7.72 -4.98 -2.27
N GLY A 203 -8.03 -5.04 -3.57
CA GLY A 203 -8.59 -3.89 -4.27
C GLY A 203 -9.98 -3.54 -3.79
N ASN A 204 -10.66 -4.52 -3.21
CA ASN A 204 -12.02 -4.35 -2.70
C ASN A 204 -12.06 -3.82 -1.27
N TYR A 205 -10.90 -3.37 -0.79
CA TYR A 205 -10.78 -2.72 0.51
C TYR A 205 -10.20 -1.34 0.29
N LYS A 206 -10.59 -0.39 1.13
CA LYS A 206 -10.14 0.99 0.99
C LYS A 206 -8.83 1.18 1.78
N LEU A 207 -7.78 0.60 1.23
CA LEU A 207 -6.48 0.58 1.90
C LEU A 207 -5.55 1.49 1.12
N GLY A 208 -4.75 2.26 1.85
CA GLY A 208 -3.80 3.22 1.23
C GLY A 208 -2.96 2.62 0.10
N GLY A 209 -2.51 1.38 0.31
CA GLY A 209 -1.73 0.64 -0.69
C GLY A 209 -2.25 0.57 -2.11
N ASN A 210 -3.58 0.61 -2.26
CA ASN A 210 -4.22 0.58 -3.57
C ASN A 210 -4.08 1.90 -4.32
N TYR A 211 -3.72 2.99 -3.63
CA TYR A 211 -3.76 4.32 -4.28
C TYR A 211 -2.40 4.85 -4.75
N GLY A 212 -1.36 4.67 -3.96
CA GLY A 212 -0.02 5.14 -4.33
C GLY A 212 0.47 4.75 -5.71
N PRO A 213 0.28 3.50 -6.09
CA PRO A 213 0.73 3.06 -7.40
C PRO A 213 -0.01 3.66 -8.58
N THR A 214 -1.20 4.21 -8.36
CA THR A 214 -1.99 4.80 -9.43
C THR A 214 -1.53 6.20 -9.87
N VAL A 215 -0.70 6.86 -9.05
CA VAL A 215 -0.32 8.25 -9.32
C VAL A 215 0.40 8.35 -10.66
N LEU A 216 1.36 7.46 -10.86
CA LEU A 216 2.10 7.45 -12.10
C LEU A 216 1.19 7.17 -13.28
N VAL A 217 0.18 6.32 -13.07
CA VAL A 217 -0.74 5.93 -14.14
C VAL A 217 -1.64 7.10 -14.52
N GLN A 218 -2.09 7.87 -13.53
CA GLN A 218 -2.88 9.05 -13.76
C GLN A 218 -2.04 10.08 -14.53
N GLN A 219 -0.75 10.20 -14.18
CA GLN A 219 0.16 11.07 -14.95
C GLN A 219 0.22 10.66 -16.41
N GLU A 220 0.22 9.35 -16.65
CA GLU A 220 0.28 8.83 -18.00
C GLU A 220 -1.01 9.14 -18.78
N ALA A 221 -2.15 9.18 -18.08
CA ALA A 221 -3.43 9.55 -18.71
C ALA A 221 -3.39 11.01 -19.13
N LEU A 222 -2.99 11.88 -18.20
CA LEU A 222 -2.76 13.27 -18.54
C LEU A 222 -1.86 13.34 -19.77
N LYS A 223 -0.66 12.75 -19.67
CA LYS A 223 0.28 12.76 -20.79
C LYS A 223 -0.39 12.39 -22.12
N ARG A 224 -1.33 11.44 -22.10
CA ARG A 224 -1.99 11.02 -23.34
C ARG A 224 -3.31 11.76 -23.62
N GLY A 225 -3.53 12.90 -22.97
CA GLY A 225 -4.70 13.72 -23.26
C GLY A 225 -6.02 13.36 -22.58
N CYS A 226 -5.99 12.43 -21.63
CA CYS A 226 -7.17 12.01 -20.87
C CYS A 226 -7.11 12.56 -19.45
N GLU A 227 -8.24 12.54 -18.74
CA GLU A 227 -8.35 13.10 -17.40
C GLU A 227 -8.38 12.09 -16.29
N GLN A 228 -8.80 10.87 -16.60
CA GLN A 228 -8.95 9.82 -15.59
C GLN A 228 -8.53 8.50 -16.18
N VAL A 229 -8.31 7.53 -15.31
CA VAL A 229 -7.94 6.20 -15.77
C VAL A 229 -9.12 5.24 -15.73
N LEU A 230 -9.40 4.60 -16.86
CA LEU A 230 -10.38 3.50 -16.91
C LEU A 230 -9.62 2.21 -16.67
N TRP A 231 -9.74 1.66 -15.48
CA TRP A 231 -9.00 0.48 -15.09
C TRP A 231 -9.57 -0.78 -15.68
N LEU A 232 -8.78 -1.41 -16.54
CA LEU A 232 -9.19 -2.64 -17.19
C LEU A 232 -8.55 -3.81 -16.44
N TYR A 233 -9.21 -4.95 -16.51
CA TYR A 233 -8.74 -6.16 -15.88
C TYR A 233 -9.06 -7.34 -16.75
N GLY A 234 -8.16 -8.30 -16.76
CA GLY A 234 -8.43 -9.58 -17.41
C GLY A 234 -8.25 -9.62 -18.91
N PRO A 235 -8.08 -10.84 -19.46
CA PRO A 235 -7.87 -11.05 -20.89
C PRO A 235 -8.89 -10.32 -21.76
N ASP A 236 -10.15 -10.39 -21.34
CA ASP A 236 -11.27 -9.77 -22.04
C ASP A 236 -11.52 -8.29 -21.71
N HIS A 237 -10.47 -7.60 -21.23
CA HIS A 237 -10.53 -6.17 -20.90
C HIS A 237 -11.86 -5.71 -20.28
N GLN A 238 -12.08 -6.14 -19.05
CA GLN A 238 -13.27 -5.76 -18.30
C GLN A 238 -13.12 -4.34 -17.74
N LEU A 239 -14.18 -3.54 -17.82
CA LEU A 239 -14.14 -2.19 -17.25
C LEU A 239 -14.44 -2.35 -15.78
N THR A 240 -13.45 -2.07 -14.93
CA THR A 240 -13.65 -2.27 -13.50
C THR A 240 -14.12 -0.99 -12.79
N GLU A 241 -13.28 0.03 -12.87
CA GLU A 241 -13.48 1.30 -12.17
C GLU A 241 -12.90 2.43 -12.98
N VAL A 242 -13.33 3.65 -12.68
CA VAL A 242 -12.81 4.83 -13.35
C VAL A 242 -12.21 5.75 -12.30
N GLY A 243 -10.88 5.88 -12.35
CA GLY A 243 -10.13 6.64 -11.36
C GLY A 243 -10.29 6.02 -9.99
N THR A 244 -10.93 6.77 -9.10
CA THR A 244 -11.29 6.28 -7.80
C THR A 244 -12.82 6.10 -7.70
N MET A 245 -13.49 5.91 -8.84
CA MET A 245 -14.94 5.77 -8.88
C MET A 245 -15.37 4.46 -9.49
N ASN A 246 -16.55 4.00 -9.07
CA ASN A 246 -17.20 2.89 -9.70
C ASN A 246 -17.77 3.33 -11.04
N ILE A 247 -17.90 2.38 -11.96
CA ILE A 247 -18.39 2.70 -13.30
C ILE A 247 -19.76 2.04 -13.58
N PHE A 248 -20.60 2.79 -14.27
CA PHE A 248 -21.92 2.38 -14.66
C PHE A 248 -22.10 2.59 -16.13
N VAL A 249 -22.80 1.68 -16.78
CA VAL A 249 -23.22 1.84 -18.16
C VAL A 249 -24.73 1.67 -18.22
N TYR A 250 -25.37 2.66 -18.82
CA TYR A 250 -26.79 2.66 -19.10
C TYR A 250 -26.86 2.50 -20.61
N TRP A 251 -27.38 1.36 -21.06
CA TRP A 251 -27.47 1.03 -22.50
C TRP A 251 -28.64 0.10 -22.81
N THR A 252 -28.80 -0.22 -24.09
CA THR A 252 -29.69 -1.30 -24.48
C THR A 252 -28.78 -2.50 -24.63
N HIS A 253 -29.02 -3.55 -23.85
CA HIS A 253 -28.12 -4.69 -23.90
C HIS A 253 -28.30 -5.46 -25.23
N GLU A 254 -27.45 -6.46 -25.44
CA GLU A 254 -27.49 -7.30 -26.66
C GLU A 254 -28.82 -8.03 -26.81
N ASP A 255 -29.44 -8.37 -25.69
CA ASP A 255 -30.75 -9.00 -25.70
C ASP A 255 -31.89 -7.99 -25.91
N GLY A 256 -31.58 -6.75 -26.30
CA GLY A 256 -32.58 -5.71 -26.52
C GLY A 256 -33.21 -5.07 -25.28
N VAL A 257 -32.71 -5.39 -24.09
CA VAL A 257 -33.28 -4.81 -22.89
C VAL A 257 -32.46 -3.58 -22.44
N LEU A 258 -33.18 -2.56 -22.03
CA LEU A 258 -32.60 -1.34 -21.52
C LEU A 258 -32.16 -1.66 -20.13
N GLU A 259 -30.86 -1.51 -19.85
CA GLU A 259 -30.36 -1.81 -18.52
C GLU A 259 -29.27 -0.86 -18.04
N LEU A 260 -29.21 -0.79 -16.72
CA LEU A 260 -28.15 -0.17 -15.99
C LEU A 260 -27.30 -1.32 -15.47
N VAL A 261 -26.04 -1.36 -15.90
CA VAL A 261 -25.12 -2.39 -15.47
C VAL A 261 -23.89 -1.75 -14.81
N THR A 262 -23.39 -2.39 -13.77
CA THR A 262 -22.16 -2.01 -13.10
C THR A 262 -21.46 -3.34 -12.75
N PRO A 263 -20.11 -3.34 -12.76
CA PRO A 263 -19.37 -4.57 -12.44
C PRO A 263 -19.70 -5.14 -11.06
N PRO A 264 -19.70 -6.48 -10.94
CA PRO A 264 -20.08 -7.09 -9.67
C PRO A 264 -18.93 -7.11 -8.68
N LEU A 265 -19.26 -7.34 -7.40
CA LEU A 265 -18.27 -7.36 -6.34
C LEU A 265 -17.60 -8.71 -6.28
N ASN A 266 -16.67 -8.94 -7.21
CA ASN A 266 -15.93 -10.19 -7.25
C ASN A 266 -14.48 -10.07 -6.79
N GLY A 267 -14.13 -8.97 -6.17
CA GLY A 267 -12.78 -8.84 -5.59
C GLY A 267 -11.92 -7.69 -6.10
N VAL A 268 -12.14 -7.25 -7.33
CA VAL A 268 -11.38 -6.12 -7.90
C VAL A 268 -12.17 -4.80 -7.88
N ILE A 269 -13.36 -4.83 -7.28
CA ILE A 269 -14.24 -3.67 -7.21
C ILE A 269 -14.41 -3.21 -5.77
N LEU A 270 -14.16 -1.92 -5.56
CA LEU A 270 -14.39 -1.31 -4.29
C LEU A 270 -15.91 -1.09 -4.15
N PRO A 271 -16.54 -1.67 -3.11
CA PRO A 271 -17.98 -1.50 -2.97
C PRO A 271 -18.32 -0.12 -2.49
N GLY A 272 -18.52 0.77 -3.45
CA GLY A 272 -18.84 2.15 -3.14
C GLY A 272 -20.22 2.29 -2.53
N VAL A 273 -20.33 3.25 -1.62
CA VAL A 273 -21.60 3.61 -1.01
C VAL A 273 -22.47 4.30 -2.07
N VAL A 274 -21.89 5.18 -2.88
CA VAL A 274 -22.70 5.79 -3.91
C VAL A 274 -23.19 4.72 -4.89
N ARG A 275 -22.31 3.82 -5.29
CA ARG A 275 -22.66 2.70 -6.20
C ARG A 275 -23.88 1.95 -5.68
N GLN A 276 -23.81 1.54 -4.43
CA GLN A 276 -24.88 0.78 -3.86
C GLN A 276 -26.17 1.58 -3.92
N SER A 277 -26.04 2.89 -3.66
CA SER A 277 -27.19 3.79 -3.62
C SER A 277 -27.81 3.93 -4.99
N LEU A 278 -26.99 4.02 -6.04
CA LEU A 278 -27.51 4.14 -7.36
C LEU A 278 -28.27 2.87 -7.75
N LEU A 279 -27.68 1.71 -7.43
CA LEU A 279 -28.36 0.43 -7.61
C LEU A 279 -29.67 0.38 -6.81
N ASP A 280 -29.62 0.75 -5.53
CA ASP A 280 -30.84 0.80 -4.72
C ASP A 280 -31.95 1.68 -5.36
N MET A 281 -31.60 2.90 -5.80
CA MET A 281 -32.59 3.82 -6.38
C MET A 281 -33.13 3.28 -7.69
N ALA A 282 -32.25 2.87 -8.60
CA ALA A 282 -32.68 2.32 -9.87
C ALA A 282 -33.60 1.07 -9.69
N GLN A 283 -33.17 0.14 -8.86
CA GLN A 283 -33.94 -1.10 -8.60
C GLN A 283 -35.29 -0.74 -7.99
N THR A 284 -35.29 0.22 -7.10
CA THR A 284 -36.53 0.66 -6.51
C THR A 284 -37.46 1.25 -7.58
N TRP A 285 -36.94 2.04 -8.52
CA TRP A 285 -37.81 2.63 -9.53
C TRP A 285 -38.58 1.57 -10.30
N GLY A 286 -37.93 0.45 -10.62
CA GLY A 286 -38.55 -0.62 -11.39
C GLY A 286 -38.85 -0.26 -12.84
N GLU A 287 -38.11 0.68 -13.42
CA GLU A 287 -38.41 1.09 -14.79
C GLU A 287 -37.56 0.43 -15.86
N PHE A 288 -36.48 -0.22 -15.45
CA PHE A 288 -35.57 -0.84 -16.40
C PHE A 288 -34.68 -1.84 -15.68
N ARG A 289 -34.04 -2.73 -16.43
CA ARG A 289 -33.23 -3.75 -15.81
C ARG A 289 -32.00 -3.13 -15.09
N VAL A 290 -31.69 -3.63 -13.90
CA VAL A 290 -30.54 -3.15 -13.13
C VAL A 290 -29.72 -4.36 -12.69
N VAL A 291 -28.51 -4.49 -13.22
CA VAL A 291 -27.71 -5.66 -12.97
C VAL A 291 -26.27 -5.41 -12.54
N GLU A 292 -25.72 -6.39 -11.85
CA GLU A 292 -24.31 -6.41 -11.56
C GLU A 292 -23.73 -7.48 -12.48
N ARG A 293 -23.03 -7.04 -13.50
CA ARG A 293 -22.42 -7.94 -14.45
C ARG A 293 -21.15 -7.31 -14.96
N THR A 294 -20.15 -8.14 -15.22
CA THR A 294 -18.92 -7.66 -15.82
C THR A 294 -19.26 -7.00 -17.16
N ILE A 295 -18.40 -6.05 -17.54
CA ILE A 295 -18.54 -5.29 -18.77
C ILE A 295 -17.18 -5.28 -19.45
N THR A 296 -17.17 -5.69 -20.71
CA THR A 296 -15.93 -5.82 -21.49
C THR A 296 -15.84 -4.71 -22.52
N MET A 297 -14.63 -4.41 -22.98
CA MET A 297 -14.47 -3.37 -24.01
C MET A 297 -15.16 -3.78 -25.31
N LYS A 298 -15.07 -5.07 -25.63
CA LYS A 298 -15.73 -5.63 -26.81
C LYS A 298 -17.23 -5.37 -26.79
N GLN A 299 -17.87 -5.63 -25.65
CA GLN A 299 -19.29 -5.31 -25.52
C GLN A 299 -19.54 -3.80 -25.73
N LEU A 300 -18.65 -2.95 -25.17
CA LEU A 300 -18.81 -1.49 -25.26
C LEU A 300 -18.60 -1.00 -26.70
N LEU A 301 -17.50 -1.44 -27.32
CA LEU A 301 -17.21 -1.09 -28.72
C LEU A 301 -18.39 -1.48 -29.59
N ARG A 302 -18.91 -2.68 -29.37
CA ARG A 302 -20.05 -3.14 -30.15
C ARG A 302 -21.31 -2.36 -29.80
N ALA A 303 -21.54 -2.06 -28.53
CA ALA A 303 -22.73 -1.31 -28.15
C ALA A 303 -22.70 0.11 -28.74
N LEU A 304 -21.51 0.70 -28.82
CA LEU A 304 -21.35 2.05 -29.39
C LEU A 304 -21.68 2.09 -30.88
N GLU A 305 -21.14 1.17 -31.65
CA GLU A 305 -21.36 1.20 -33.10
C GLU A 305 -22.81 0.87 -33.48
N GLU A 306 -23.54 0.21 -32.59
CA GLU A 306 -24.98 -0.05 -32.81
C GLU A 306 -25.85 1.02 -32.14
N GLY A 307 -25.21 2.07 -31.64
CA GLY A 307 -25.90 3.18 -30.98
C GLY A 307 -26.76 2.75 -29.81
N ARG A 308 -26.32 1.72 -29.08
CA ARG A 308 -27.05 1.19 -27.94
C ARG A 308 -26.65 1.84 -26.58
N VAL A 309 -25.49 2.50 -26.53
CA VAL A 309 -25.06 3.20 -25.30
C VAL A 309 -25.78 4.55 -25.15
N ARG A 310 -26.39 4.76 -23.98
CA ARG A 310 -27.02 6.03 -23.65
C ARG A 310 -26.04 6.87 -22.84
N GLU A 311 -25.60 6.33 -21.70
CA GLU A 311 -24.79 7.06 -20.75
C GLU A 311 -23.79 6.17 -20.06
N VAL A 312 -22.58 6.67 -19.88
CA VAL A 312 -21.54 6.00 -19.10
C VAL A 312 -21.13 7.01 -18.04
N PHE A 313 -20.94 6.55 -16.79
CA PHE A 313 -20.60 7.46 -15.71
C PHE A 313 -19.94 6.80 -14.50
N GLY A 314 -19.26 7.60 -13.71
CA GLY A 314 -18.56 7.11 -12.53
C GLY A 314 -19.33 7.57 -11.32
N SER A 315 -19.21 6.84 -10.21
CA SER A 315 -19.82 7.24 -8.96
C SER A 315 -18.83 7.19 -7.81
N GLY A 316 -18.98 8.08 -6.86
CA GLY A 316 -18.10 8.10 -5.70
C GLY A 316 -18.40 9.31 -4.89
N THR A 317 -18.10 9.25 -3.60
CA THR A 317 -18.47 10.37 -2.72
C THR A 317 -18.03 11.74 -3.24
N ALA A 318 -16.82 11.84 -3.78
CA ALA A 318 -16.26 13.13 -4.22
C ALA A 318 -16.89 13.66 -5.50
N CYS A 319 -17.26 12.75 -6.40
CA CYS A 319 -18.00 13.14 -7.60
C CYS A 319 -19.12 12.12 -7.72
N GLN A 320 -20.23 12.40 -7.06
CA GLN A 320 -21.30 11.40 -6.94
C GLN A 320 -21.74 10.73 -8.24
N VAL A 321 -21.91 11.52 -9.30
CA VAL A 321 -22.29 10.95 -10.59
C VAL A 321 -21.51 11.74 -11.61
N CYS A 322 -20.50 11.09 -12.18
CA CYS A 322 -19.57 11.77 -13.07
C CYS A 322 -19.69 11.29 -14.51
N PRO A 323 -20.19 12.15 -15.39
CA PRO A 323 -20.39 11.70 -16.78
C PRO A 323 -19.11 11.49 -17.54
N VAL A 324 -19.10 10.53 -18.46
CA VAL A 324 -17.92 10.22 -19.28
C VAL A 324 -18.29 10.49 -20.74
N HIS A 325 -17.44 11.18 -21.50
CA HIS A 325 -17.73 11.46 -22.92
C HIS A 325 -16.76 10.84 -23.89
N ARG A 326 -15.60 10.46 -23.40
CA ARG A 326 -14.55 9.92 -24.25
C ARG A 326 -13.68 8.88 -23.52
N ILE A 327 -13.29 7.86 -24.28
CA ILE A 327 -12.43 6.80 -23.80
C ILE A 327 -11.39 6.51 -24.88
N LEU A 328 -10.13 6.67 -24.53
CA LEU A 328 -9.02 6.33 -25.44
C LEU A 328 -8.57 4.87 -25.18
N TYR A 329 -9.06 3.97 -26.03
CA TYR A 329 -8.72 2.57 -25.94
C TYR A 329 -7.53 2.29 -26.86
N LYS A 330 -6.34 2.28 -26.26
CA LYS A 330 -5.08 2.12 -26.99
C LYS A 330 -4.90 3.34 -27.93
N ASP A 331 -5.17 3.18 -29.23
CA ASP A 331 -5.09 4.30 -30.17
C ASP A 331 -6.47 4.68 -30.69
N ARG A 332 -7.49 3.90 -30.33
CA ARG A 332 -8.84 4.10 -30.81
C ARG A 332 -9.57 5.08 -29.90
N ASN A 333 -9.77 6.31 -30.38
CA ASN A 333 -10.45 7.36 -29.60
C ASN A 333 -11.99 7.23 -29.68
N LEU A 334 -12.63 6.79 -28.59
CA LEU A 334 -14.07 6.47 -28.61
C LEU A 334 -14.92 7.57 -28.00
N HIS A 335 -15.96 7.97 -28.73
CA HIS A 335 -16.87 8.98 -28.25
C HIS A 335 -18.02 8.30 -27.54
N ILE A 336 -18.30 8.79 -26.33
CA ILE A 336 -19.39 8.27 -25.52
C ILE A 336 -20.49 9.33 -25.47
N PRO A 337 -21.72 8.98 -25.90
CA PRO A 337 -22.77 9.99 -26.10
C PRO A 337 -23.59 10.34 -24.87
N THR A 338 -22.96 10.32 -23.72
CA THR A 338 -23.62 10.55 -22.46
C THR A 338 -24.39 11.87 -22.50
N MET A 339 -23.73 12.93 -22.93
CA MET A 339 -24.34 14.28 -22.92
C MET A 339 -25.46 14.45 -23.92
N GLU A 340 -25.38 13.78 -25.08
CA GLU A 340 -26.45 13.88 -26.06
C GLU A 340 -27.68 13.08 -25.64
N ASN A 341 -27.56 12.31 -24.58
CA ASN A 341 -28.69 11.51 -24.08
C ASN A 341 -29.26 12.10 -22.79
N GLY A 342 -29.04 13.40 -22.61
CA GLY A 342 -29.62 14.17 -21.51
C GLY A 342 -28.59 14.96 -20.69
N PRO A 343 -27.76 14.28 -19.87
CA PRO A 343 -27.75 12.83 -19.60
C PRO A 343 -28.88 12.52 -18.65
N GLU A 344 -29.93 11.95 -19.22
CA GLU A 344 -31.20 11.84 -18.52
C GLU A 344 -31.10 11.07 -17.19
N LEU A 345 -30.44 9.93 -17.21
CA LEU A 345 -30.30 9.11 -15.98
C LEU A 345 -29.33 9.74 -14.98
N ILE A 346 -28.20 10.25 -15.45
CA ILE A 346 -27.30 10.95 -14.53
C ILE A 346 -28.06 12.07 -13.80
N LEU A 347 -28.77 12.91 -14.54
CA LEU A 347 -29.51 14.04 -13.97
C LEU A 347 -30.53 13.61 -12.94
N ARG A 348 -31.27 12.53 -13.24
CA ARG A 348 -32.25 12.00 -12.32
C ARG A 348 -31.60 11.48 -11.04
N PHE A 349 -30.59 10.65 -11.16
CA PHE A 349 -29.80 10.27 -9.96
C PHE A 349 -29.34 11.53 -9.18
N GLN A 350 -28.77 12.51 -9.87
CA GLN A 350 -28.28 13.72 -9.16
C GLN A 350 -29.40 14.43 -8.42
N LYS A 351 -30.51 14.63 -9.10
CA LYS A 351 -31.67 15.31 -8.52
C LYS A 351 -32.18 14.59 -7.28
N GLU A 352 -32.36 13.29 -7.37
CA GLU A 352 -32.88 12.54 -6.23
C GLU A 352 -31.88 12.50 -5.08
N LEU A 353 -30.60 12.32 -5.39
CA LEU A 353 -29.59 12.36 -4.33
C LEU A 353 -29.61 13.69 -3.60
N LYS A 354 -29.65 14.78 -4.36
CA LYS A 354 -29.67 16.13 -3.79
C LYS A 354 -30.85 16.33 -2.82
N GLU A 355 -32.03 15.87 -3.23
CA GLU A 355 -33.24 16.03 -2.41
C GLU A 355 -33.11 15.24 -1.11
N ILE A 356 -32.45 14.10 -1.20
CA ILE A 356 -32.25 13.27 -0.02
C ILE A 356 -31.13 13.88 0.82
N GLN A 357 -30.09 14.39 0.18
CA GLN A 357 -28.92 14.82 0.94
C GLN A 357 -29.06 16.17 1.63
N TYR A 358 -29.73 17.10 0.99
CA TYR A 358 -29.94 18.42 1.58
C TYR A 358 -31.26 18.55 2.38
N GLY A 359 -31.88 17.43 2.69
CA GLY A 359 -33.02 17.41 3.62
C GLY A 359 -34.37 17.87 3.09
N ILE A 360 -34.50 17.94 1.77
CA ILE A 360 -35.74 18.32 1.12
C ILE A 360 -36.78 17.25 1.42
N ARG A 361 -36.35 16.00 1.25
CA ARG A 361 -37.17 14.83 1.49
C ARG A 361 -36.53 14.08 2.65
N ALA A 362 -37.24 13.93 3.78
CA ALA A 362 -36.72 13.14 4.90
C ALA A 362 -36.54 11.72 4.40
N HIS A 363 -35.45 11.08 4.82
CA HIS A 363 -35.12 9.76 4.29
C HIS A 363 -34.27 8.99 5.28
N GLU A 364 -34.55 7.69 5.39
CA GLU A 364 -33.77 6.76 6.21
C GLU A 364 -32.24 6.73 5.91
N TRP A 365 -31.82 7.30 4.78
CA TRP A 365 -30.41 7.32 4.38
C TRP A 365 -29.59 8.39 5.10
N MET A 366 -30.27 9.43 5.60
CA MET A 366 -29.60 10.53 6.26
C MET A 366 -29.54 10.39 7.77
N PHE A 367 -28.34 10.60 8.32
CA PHE A 367 -28.09 10.49 9.73
C PHE A 367 -27.87 11.92 10.21
N PRO A 368 -28.75 12.43 11.07
CA PRO A 368 -28.62 13.82 11.47
C PRO A 368 -27.47 14.08 12.45
N VAL A 369 -26.81 15.21 12.29
CA VAL A 369 -25.75 15.61 13.20
C VAL A 369 -26.33 16.48 14.30
N SER B 7 18.22 17.78 -8.63
CA SER B 7 18.21 18.63 -7.40
C SER B 7 18.77 17.94 -6.15
N SER B 8 19.46 16.81 -6.32
CA SER B 8 19.84 15.96 -5.18
C SER B 8 20.48 16.64 -3.98
N PHE B 9 20.14 16.16 -2.78
CA PHE B 9 20.86 16.54 -1.58
C PHE B 9 22.32 16.07 -1.75
N LYS B 10 23.20 16.64 -0.93
CA LYS B 10 24.66 16.43 -0.99
C LYS B 10 25.18 16.09 0.37
N ALA B 11 26.07 15.10 0.43
CA ALA B 11 26.72 14.72 1.69
C ALA B 11 27.60 15.84 2.22
N ALA B 12 28.22 16.60 1.32
CA ALA B 12 29.02 17.78 1.71
C ALA B 12 28.26 18.71 2.66
N ASP B 13 26.96 18.85 2.40
CA ASP B 13 26.11 19.76 3.16
C ASP B 13 25.55 19.11 4.45
N LEU B 14 25.99 17.88 4.77
CA LEU B 14 25.50 17.20 5.98
C LEU B 14 25.59 18.06 7.19
N GLN B 15 24.66 17.86 8.11
CA GLN B 15 24.58 18.58 9.37
C GLN B 15 24.56 17.57 10.47
N LEU B 16 25.51 17.67 11.38
CA LEU B 16 25.59 16.72 12.47
C LEU B 16 25.06 17.35 13.76
N GLU B 17 24.26 16.57 14.48
CA GLU B 17 23.76 16.94 15.80
C GLU B 17 23.80 15.67 16.65
N MET B 18 24.83 15.57 17.48
CA MET B 18 25.04 14.42 18.34
C MET B 18 24.08 14.47 19.52
N THR B 19 23.70 13.30 20.02
CA THR B 19 22.78 13.22 21.14
C THR B 19 23.36 13.84 22.42
N GLN B 20 22.46 14.18 23.35
CA GLN B 20 22.85 14.70 24.65
C GLN B 20 23.11 13.52 25.57
N LYS B 21 22.37 12.43 25.37
CA LYS B 21 22.52 11.26 26.22
C LYS B 21 22.34 9.97 25.41
N PRO B 22 23.46 9.33 25.00
CA PRO B 22 23.44 8.05 24.29
C PRO B 22 22.72 6.98 25.08
N HIS B 23 22.21 5.97 24.39
CA HIS B 23 21.48 4.87 25.02
C HIS B 23 22.44 3.74 25.29
N LYS B 24 22.12 2.98 26.32
CA LYS B 24 22.97 1.89 26.74
C LYS B 24 22.78 0.78 25.71
N LYS B 25 23.86 0.44 24.99
CA LYS B 25 23.81 -0.63 23.99
C LYS B 25 23.20 -1.91 24.58
N PRO B 26 22.84 -2.88 23.72
CA PRO B 26 22.31 -4.15 24.25
C PRO B 26 23.34 -4.98 25.04
N GLY B 27 22.86 -5.92 25.85
CA GLY B 27 23.70 -6.81 26.66
C GLY B 27 23.76 -8.22 26.07
N PRO B 28 24.94 -8.66 25.58
CA PRO B 28 25.13 -9.94 24.88
C PRO B 28 24.25 -11.10 25.33
N PRO B 31 20.32 -11.61 23.24
CA PRO B 31 18.87 -11.69 23.12
C PRO B 31 18.24 -10.61 22.22
N LEU B 32 19.02 -10.06 21.28
CA LEU B 32 18.56 -8.99 20.37
C LEU B 32 17.44 -9.44 19.42
N VAL B 33 16.25 -8.89 19.61
CA VAL B 33 15.11 -9.17 18.73
C VAL B 33 15.18 -8.21 17.54
N PHE B 34 14.98 -8.76 16.34
CA PHE B 34 15.14 -8.03 15.08
C PHE B 34 14.20 -6.84 14.89
N GLY B 35 14.78 -5.67 14.59
CA GLY B 35 14.05 -4.43 14.34
C GLY B 35 13.30 -3.79 15.50
N LYS B 36 13.62 -4.17 16.74
CA LYS B 36 13.01 -3.57 17.95
C LYS B 36 13.93 -2.53 18.63
N THR B 37 15.24 -2.72 18.48
CA THR B 37 16.24 -1.88 19.12
C THR B 37 16.86 -0.97 18.11
N PHE B 38 16.86 0.33 18.37
CA PHE B 38 17.38 1.29 17.42
C PHE B 38 18.60 1.98 17.97
N THR B 39 19.30 2.71 17.12
CA THR B 39 20.57 3.30 17.53
C THR B 39 20.36 4.76 17.89
N ASP B 40 21.44 5.41 18.31
CA ASP B 40 21.37 6.79 18.79
C ASP B 40 21.03 7.82 17.71
N HIS B 41 21.34 7.53 16.46
CA HIS B 41 21.17 8.53 15.40
C HIS B 41 20.33 8.05 14.20
N MET B 42 20.02 8.99 13.32
CA MET B 42 19.19 8.73 12.16
C MET B 42 19.51 9.82 11.16
N LEU B 43 19.36 9.50 9.88
CA LEU B 43 19.50 10.46 8.81
C LEU B 43 18.09 10.99 8.48
N MET B 44 18.01 12.25 8.10
CA MET B 44 16.76 12.87 7.72
C MET B 44 17.03 13.89 6.65
N VAL B 45 16.27 13.80 5.57
CA VAL B 45 16.35 14.76 4.49
C VAL B 45 14.92 15.13 4.10
N GLU B 46 14.66 16.42 3.99
CA GLU B 46 13.36 16.92 3.59
C GLU B 46 13.38 17.37 2.12
N TRP B 47 12.28 17.13 1.42
CA TRP B 47 12.12 17.63 0.06
C TRP B 47 10.82 18.44 -0.03
N ASN B 48 10.85 19.50 -0.84
CA ASN B 48 9.66 20.29 -1.13
C ASN B 48 9.84 20.94 -2.47
N ASP B 49 9.11 22.02 -2.73
CA ASP B 49 9.19 22.70 -4.04
C ASP B 49 10.51 23.45 -4.23
N LYS B 50 11.20 23.73 -3.13
CA LYS B 50 12.56 24.29 -3.19
C LYS B 50 13.61 23.17 -3.40
N GLY B 51 13.15 21.95 -3.64
CA GLY B 51 14.02 20.79 -3.83
C GLY B 51 14.42 20.17 -2.50
N TRP B 52 15.49 19.41 -2.52
CA TRP B 52 15.97 18.76 -1.31
C TRP B 52 16.65 19.75 -0.39
N GLY B 53 16.44 19.58 0.90
CA GLY B 53 17.14 20.37 1.88
C GLY B 53 18.47 19.72 2.19
N GLN B 54 19.08 20.15 3.28
CA GLN B 54 20.36 19.60 3.68
C GLN B 54 20.11 18.35 4.48
N PRO B 55 20.87 17.28 4.17
CA PRO B 55 20.69 16.08 4.98
C PRO B 55 21.21 16.36 6.37
N ARG B 56 20.66 15.65 7.35
CA ARG B 56 21.13 15.80 8.70
C ARG B 56 21.12 14.46 9.42
N ILE B 57 22.12 14.29 10.29
CA ILE B 57 22.14 13.19 11.20
C ILE B 57 21.68 13.83 12.47
N GLN B 58 20.79 13.16 13.19
CA GLN B 58 20.23 13.75 14.36
C GLN B 58 19.93 12.63 15.31
N PRO B 59 19.69 12.96 16.58
CA PRO B 59 19.32 11.89 17.49
C PRO B 59 18.03 11.23 17.04
N PHE B 60 17.89 9.96 17.37
CA PHE B 60 16.75 9.19 16.94
C PHE B 60 15.54 9.85 17.57
N GLN B 61 14.66 10.36 16.73
CA GLN B 61 13.51 11.10 17.23
C GLN B 61 12.28 10.85 16.37
N ASN B 62 11.12 11.15 16.94
CA ASN B 62 9.85 10.92 16.25
C ASN B 62 9.70 11.75 15.00
N LEU B 63 8.82 11.28 14.11
CA LEU B 63 8.45 12.05 12.93
C LEU B 63 7.23 12.89 13.30
N THR B 64 7.20 14.11 12.79
CA THR B 64 6.06 15.00 13.00
C THR B 64 5.42 15.14 11.64
N LEU B 65 4.17 14.67 11.52
CA LEU B 65 3.48 14.67 10.21
C LEU B 65 2.11 15.32 10.23
N HIS B 66 1.83 16.07 9.18
CA HIS B 66 0.50 16.60 8.94
C HIS B 66 -0.46 15.40 8.81
N PRO B 67 -1.64 15.47 9.47
CA PRO B 67 -2.55 14.29 9.53
C PRO B 67 -3.13 13.83 8.21
N ALA B 68 -3.06 14.69 7.21
CA ALA B 68 -3.40 14.35 5.83
C ALA B 68 -2.20 13.87 5.04
N SER B 69 -1.09 13.56 5.69
CA SER B 69 0.13 13.21 4.93
C SER B 69 -0.14 12.07 3.97
N SER B 70 0.19 12.25 2.70
CA SER B 70 -0.06 11.20 1.71
C SER B 70 0.65 9.87 2.04
N SER B 71 1.67 9.91 2.89
CA SER B 71 2.33 8.71 3.36
C SER B 71 1.37 7.76 4.06
N LEU B 72 0.41 8.37 4.77
CA LEU B 72 -0.51 7.64 5.62
C LEU B 72 -1.87 7.34 4.96
N HIS B 73 -2.19 8.05 3.87
CA HIS B 73 -3.45 7.90 3.20
C HIS B 73 -3.40 7.06 1.93
N TYR B 74 -2.38 7.31 1.12
CA TYR B 74 -2.26 6.70 -0.18
C TYR B 74 -0.97 5.90 -0.34
N SER B 75 -0.38 5.50 0.77
CA SER B 75 0.78 4.62 0.78
C SER B 75 1.92 5.09 -0.13
N LEU B 76 2.24 6.37 -0.09
CA LEU B 76 3.42 6.91 -0.80
C LEU B 76 4.59 6.70 0.12
N GLN B 77 5.01 5.45 0.18
CA GLN B 77 6.05 5.02 1.05
C GLN B 77 6.79 3.85 0.42
N LEU B 78 8.09 3.83 0.62
CA LEU B 78 8.92 2.75 0.11
C LEU B 78 10.07 2.66 1.07
N PHE B 79 10.67 1.47 1.14
CA PHE B 79 11.79 1.24 2.05
C PHE B 79 12.86 0.37 1.42
N GLU B 80 13.97 0.31 2.13
CA GLU B 80 15.05 -0.57 1.78
C GLU B 80 15.51 -1.31 3.02
N GLY B 81 16.37 -2.29 2.79
CA GLY B 81 16.86 -3.13 3.85
C GLY B 81 18.19 -3.63 3.39
N MET B 82 19.22 -3.32 4.18
CA MET B 82 20.57 -3.80 3.90
C MET B 82 21.37 -3.90 5.18
N LYS B 83 22.52 -4.58 5.10
CA LYS B 83 23.31 -4.87 6.28
C LYS B 83 24.76 -4.40 6.24
N ALA B 84 25.23 -4.00 7.42
CA ALA B 84 26.61 -3.61 7.63
C ALA B 84 27.19 -4.60 8.62
N PHE B 85 28.39 -5.09 8.36
CA PHE B 85 29.03 -6.11 9.19
C PHE B 85 30.36 -5.59 9.73
N LYS B 86 30.64 -5.92 10.98
CA LYS B 86 31.87 -5.54 11.64
C LYS B 86 32.82 -6.75 11.64
N GLY B 87 33.96 -6.59 10.96
CA GLY B 87 34.96 -7.66 10.87
C GLY B 87 35.79 -7.79 12.14
N LYS B 88 36.80 -8.66 12.10
CA LYS B 88 37.69 -8.80 13.24
C LYS B 88 38.40 -7.48 13.51
N ASP B 89 38.99 -6.92 12.47
CA ASP B 89 39.69 -5.64 12.55
C ASP B 89 38.79 -4.45 12.91
N GLN B 90 37.65 -4.71 13.59
CA GLN B 90 36.66 -3.69 13.96
C GLN B 90 36.23 -2.75 12.80
N GLN B 91 36.52 -3.18 11.57
CA GLN B 91 36.17 -2.48 10.37
C GLN B 91 34.73 -2.91 10.01
N VAL B 92 33.92 -1.95 9.60
CA VAL B 92 32.51 -2.20 9.28
C VAL B 92 32.33 -2.04 7.79
N ARG B 93 31.59 -2.95 7.16
CA ARG B 93 31.38 -2.92 5.73
C ARG B 93 29.92 -3.13 5.35
N LEU B 94 29.45 -2.43 4.32
CA LEU B 94 28.10 -2.67 3.78
C LEU B 94 28.15 -3.65 2.65
N PHE B 95 27.22 -4.59 2.62
CA PHE B 95 27.13 -5.55 1.52
C PHE B 95 26.33 -5.03 0.32
N ARG B 96 27.01 -4.92 -0.82
CA ARG B 96 26.46 -4.50 -2.10
C ARG B 96 25.46 -3.35 -2.01
N PRO B 97 25.80 -2.32 -1.22
CA PRO B 97 24.81 -1.26 -1.01
C PRO B 97 24.32 -0.56 -2.29
N TRP B 98 25.17 -0.51 -3.30
CA TRP B 98 24.81 0.11 -4.57
C TRP B 98 23.50 -0.52 -5.14
N LEU B 99 23.31 -1.81 -4.97
CA LEU B 99 22.11 -2.43 -5.52
C LEU B 99 20.88 -1.96 -4.74
N ASN B 100 21.01 -1.77 -3.43
CA ASN B 100 19.90 -1.25 -2.63
C ASN B 100 19.53 0.18 -3.01
N MET B 101 20.54 0.99 -3.31
CA MET B 101 20.32 2.35 -3.77
C MET B 101 19.66 2.31 -5.13
N ASP B 102 20.13 1.44 -6.02
CA ASP B 102 19.49 1.30 -7.35
C ASP B 102 18.00 0.99 -7.21
N ARG B 103 17.69 0.04 -6.36
CA ARG B 103 16.32 -0.42 -6.18
C ARG B 103 15.46 0.65 -5.51
N MET B 104 16.07 1.39 -4.60
CA MET B 104 15.36 2.47 -3.94
C MET B 104 14.95 3.57 -4.93
N LEU B 105 15.85 3.90 -5.86
CA LEU B 105 15.53 4.92 -6.83
C LEU B 105 14.41 4.42 -7.72
N ARG B 106 14.45 3.17 -8.15
CA ARG B 106 13.37 2.66 -8.98
C ARG B 106 12.03 2.72 -8.22
N SER B 107 12.01 2.31 -6.96
CA SER B 107 10.82 2.35 -6.16
C SER B 107 10.33 3.81 -6.11
N ALA B 108 11.26 4.72 -5.81
CA ALA B 108 10.96 6.16 -5.82
C ALA B 108 10.24 6.58 -7.07
N MET B 109 10.78 6.21 -8.23
CA MET B 109 10.17 6.65 -9.48
C MET B 109 8.77 6.06 -9.70
N ARG B 110 8.56 4.84 -9.22
CA ARG B 110 7.28 4.17 -9.40
C ARG B 110 6.18 4.91 -8.67
N LEU B 111 6.52 5.51 -7.53
CA LEU B 111 5.56 6.24 -6.71
C LEU B 111 5.64 7.75 -6.90
N CYS B 112 6.22 8.18 -8.02
CA CYS B 112 6.36 9.60 -8.33
C CYS B 112 6.96 10.38 -7.18
N LEU B 113 7.89 9.74 -6.45
CA LEU B 113 8.55 10.41 -5.34
C LEU B 113 9.85 11.02 -5.86
N PRO B 114 10.45 11.94 -5.09
CA PRO B 114 11.59 12.65 -5.65
C PRO B 114 12.85 11.81 -5.85
N SER B 115 13.42 11.96 -7.05
CA SER B 115 14.72 11.41 -7.43
C SER B 115 15.82 11.95 -6.53
N PHE B 116 16.91 11.20 -6.39
CA PHE B 116 18.04 11.60 -5.54
C PHE B 116 19.30 10.93 -6.05
N ASP B 117 20.46 11.35 -5.55
CA ASP B 117 21.71 10.78 -6.00
C ASP B 117 22.09 9.59 -5.11
N LYS B 118 22.26 8.46 -5.76
CA LYS B 118 22.51 7.18 -5.09
C LYS B 118 23.78 7.16 -4.28
N LEU B 119 24.83 7.79 -4.81
CA LEU B 119 26.13 7.84 -4.13
C LEU B 119 26.08 8.85 -2.99
N GLU B 120 25.30 9.93 -3.16
CA GLU B 120 25.13 10.91 -2.10
C GLU B 120 24.45 10.28 -0.91
N LEU B 121 23.40 9.50 -1.17
CA LEU B 121 22.71 8.84 -0.06
C LEU B 121 23.59 7.78 0.57
N LEU B 122 24.33 7.06 -0.26
CA LEU B 122 25.22 6.03 0.23
C LEU B 122 26.27 6.66 1.13
N GLU B 123 26.78 7.83 0.76
CA GLU B 123 27.74 8.56 1.59
C GLU B 123 27.11 9.04 2.90
N CYS B 124 25.88 9.54 2.82
CA CYS B 124 25.16 9.95 4.04
C CYS B 124 24.93 8.75 4.95
N ILE B 125 24.57 7.62 4.35
CA ILE B 125 24.38 6.40 5.11
C ILE B 125 25.70 6.00 5.76
N ARG B 126 26.78 6.00 4.98
CA ARG B 126 28.12 5.69 5.49
C ARG B 126 28.43 6.52 6.75
N ARG B 127 28.26 7.85 6.65
CA ARG B 127 28.51 8.77 7.76
C ARG B 127 27.66 8.44 8.99
N LEU B 128 26.39 8.14 8.74
CA LEU B 128 25.49 7.77 9.84
C LEU B 128 25.98 6.51 10.52
N ILE B 129 26.30 5.48 9.74
CA ILE B 129 26.83 4.25 10.33
C ILE B 129 28.16 4.59 11.04
N GLU B 130 29.00 5.40 10.40
CA GLU B 130 30.27 5.85 11.02
C GLU B 130 29.98 6.44 12.41
N VAL B 131 29.03 7.39 12.46
CA VAL B 131 28.65 8.04 13.73
C VAL B 131 28.18 7.03 14.77
N ASP B 132 27.40 6.04 14.35
CA ASP B 132 26.93 4.99 15.27
C ASP B 132 27.74 3.67 15.28
N LYS B 133 28.98 3.68 14.76
CA LYS B 133 29.86 2.48 14.71
C LYS B 133 29.74 1.51 15.86
N ASP B 134 29.82 2.02 17.10
CA ASP B 134 29.78 1.14 18.29
C ASP B 134 28.51 0.30 18.43
N TRP B 135 27.42 0.71 17.77
CA TRP B 135 26.18 -0.06 17.79
C TRP B 135 26.33 -1.33 16.98
N VAL B 136 27.15 -1.28 15.93
CA VAL B 136 27.39 -2.41 15.05
C VAL B 136 28.04 -3.53 15.85
N PRO B 137 27.30 -4.62 16.06
CA PRO B 137 27.88 -5.69 16.85
C PRO B 137 28.90 -6.50 16.04
N ASP B 138 29.74 -7.25 16.74
CA ASP B 138 30.79 -8.07 16.09
C ASP B 138 30.67 -9.56 16.42
N ALA B 139 29.68 -9.93 17.23
CA ALA B 139 29.50 -11.32 17.63
C ALA B 139 29.14 -12.15 16.41
N ALA B 140 29.40 -13.44 16.46
CA ALA B 140 29.14 -14.30 15.32
C ALA B 140 27.68 -14.19 14.84
N GLY B 141 27.51 -14.07 13.53
CA GLY B 141 26.19 -14.02 12.91
C GLY B 141 25.40 -12.74 13.15
N THR B 142 26.06 -11.69 13.63
CA THR B 142 25.37 -10.44 13.91
C THR B 142 25.78 -9.34 12.92
N SER B 143 24.92 -8.33 12.87
CA SER B 143 25.08 -7.24 11.91
C SER B 143 24.28 -6.03 12.31
N LEU B 144 24.51 -4.94 11.60
CA LEU B 144 23.68 -3.77 11.76
C LEU B 144 22.69 -3.78 10.61
N TYR B 145 21.39 -3.69 10.90
CA TYR B 145 20.37 -3.58 9.84
C TYR B 145 20.13 -2.10 9.59
N VAL B 146 20.11 -1.74 8.32
CA VAL B 146 19.95 -0.38 7.86
C VAL B 146 18.61 -0.27 7.13
N ARG B 147 17.77 0.65 7.58
CA ARG B 147 16.41 0.80 7.01
C ARG B 147 16.22 2.20 6.49
N PRO B 148 16.59 2.43 5.23
CA PRO B 148 16.22 3.69 4.59
C PRO B 148 14.74 3.67 4.17
N VAL B 149 14.11 4.86 4.16
CA VAL B 149 12.70 5.05 3.84
C VAL B 149 12.49 6.38 3.11
N LEU B 150 11.63 6.36 2.09
CA LEU B 150 11.20 7.59 1.42
C LEU B 150 9.68 7.53 1.44
N ILE B 151 9.07 8.51 2.13
CA ILE B 151 7.63 8.67 2.19
C ILE B 151 7.22 10.02 1.61
N GLY B 152 6.05 10.06 0.97
CA GLY B 152 5.47 11.32 0.49
C GLY B 152 4.90 12.04 1.70
N ASN B 153 4.68 13.35 1.60
CA ASN B 153 4.20 14.14 2.74
C ASN B 153 3.41 15.36 2.29
N GLU B 154 2.52 15.15 1.34
CA GLU B 154 1.66 16.22 0.83
C GLU B 154 0.57 16.38 1.88
N PRO B 155 0.30 17.63 2.32
CA PRO B 155 -0.72 17.82 3.36
C PRO B 155 -2.14 18.03 2.79
N SER B 156 -2.53 17.22 1.82
CA SER B 156 -3.84 17.33 1.20
C SER B 156 -4.35 15.96 0.77
N LEU B 157 -5.66 15.82 0.69
CA LEU B 157 -6.27 14.54 0.39
C LEU B 157 -6.34 14.18 -1.12
N GLY B 158 -5.79 15.01 -2.00
CA GLY B 158 -5.75 14.64 -3.42
C GLY B 158 -4.79 13.48 -3.62
N VAL B 159 -5.14 12.51 -4.47
CA VAL B 159 -4.20 11.42 -4.81
C VAL B 159 -3.37 11.94 -5.95
N SER B 160 -2.16 12.37 -5.66
CA SER B 160 -1.40 13.10 -6.66
C SER B 160 0.09 13.05 -6.41
N GLN B 161 0.85 13.53 -7.39
CA GLN B 161 2.29 13.60 -7.25
C GLN B 161 2.60 14.56 -6.11
N PRO B 162 3.27 14.06 -5.08
CA PRO B 162 3.46 14.94 -3.92
C PRO B 162 4.48 16.03 -4.20
N THR B 163 4.39 17.11 -3.42
CA THR B 163 5.30 18.23 -3.51
C THR B 163 6.14 18.29 -2.25
N ARG B 164 5.99 17.29 -1.39
CA ARG B 164 6.75 17.19 -0.14
C ARG B 164 7.06 15.74 0.16
N ALA B 165 8.24 15.50 0.69
CA ALA B 165 8.69 14.16 0.94
C ALA B 165 9.79 14.19 1.98
N LEU B 166 9.89 13.10 2.71
CA LEU B 166 10.91 12.89 3.72
C LEU B 166 11.65 11.60 3.41
N LEU B 167 12.97 11.67 3.49
CA LEU B 167 13.83 10.51 3.30
C LEU B 167 14.58 10.38 4.60
N PHE B 168 14.47 9.24 5.25
CA PHE B 168 15.14 9.01 6.52
C PHE B 168 15.64 7.57 6.64
N VAL B 169 16.52 7.36 7.60
CA VAL B 169 17.21 6.09 7.76
C VAL B 169 17.43 5.82 9.21
N ILE B 170 17.01 4.65 9.66
CA ILE B 170 17.27 4.20 11.01
C ILE B 170 18.12 2.92 10.97
N LEU B 171 18.67 2.54 12.12
CA LEU B 171 19.60 1.43 12.25
C LEU B 171 19.25 0.56 13.43
N CYS B 172 19.29 -0.75 13.22
CA CYS B 172 18.99 -1.73 14.24
C CYS B 172 20.12 -2.71 14.41
N PRO B 173 20.65 -2.84 15.63
CA PRO B 173 21.56 -3.94 15.82
C PRO B 173 20.72 -5.20 15.78
N VAL B 174 21.16 -6.22 15.04
CA VAL B 174 20.41 -7.47 14.95
C VAL B 174 21.34 -8.65 15.16
N GLY B 175 20.73 -9.80 15.47
CA GLY B 175 21.40 -11.09 15.58
C GLY B 175 21.03 -11.89 14.35
N ALA B 176 20.04 -12.79 14.48
CA ALA B 176 19.56 -13.59 13.34
C ALA B 176 18.28 -13.02 12.71
N SER B 182 18.04 -19.97 9.07
CA SER B 182 19.50 -20.06 9.08
C SER B 182 19.95 -21.52 9.23
N VAL B 183 20.09 -21.99 10.46
CA VAL B 183 20.42 -23.39 10.71
C VAL B 183 19.11 -24.19 10.59
N THR B 184 18.09 -23.82 11.37
CA THR B 184 16.82 -24.54 11.37
C THR B 184 15.97 -24.19 10.15
N PRO B 185 15.32 -25.19 9.56
CA PRO B 185 14.51 -24.98 8.40
C PRO B 185 13.12 -24.45 8.75
N VAL B 186 12.38 -24.05 7.72
CA VAL B 186 11.02 -23.56 7.90
C VAL B 186 10.00 -24.35 7.10
N SER B 187 8.77 -24.30 7.59
CA SER B 187 7.66 -24.97 6.93
C SER B 187 6.85 -23.90 6.20
N LEU B 188 6.28 -24.24 5.05
CA LEU B 188 5.53 -23.27 4.28
C LEU B 188 4.09 -23.69 4.04
N LEU B 189 3.19 -22.72 4.02
CA LEU B 189 1.82 -22.94 3.58
C LEU B 189 1.73 -22.53 2.11
N ALA B 190 1.27 -23.45 1.27
CA ALA B 190 1.16 -23.17 -0.16
C ALA B 190 -0.30 -23.21 -0.59
N ASP B 191 -0.96 -22.05 -0.49
CA ASP B 191 -2.39 -21.92 -0.77
C ASP B 191 -2.60 -20.83 -1.82
N PRO B 192 -3.10 -21.22 -3.01
CA PRO B 192 -3.23 -20.28 -4.13
C PRO B 192 -4.29 -19.18 -3.97
N ALA B 193 -5.12 -19.23 -2.93
CA ALA B 193 -6.10 -18.17 -2.70
C ALA B 193 -5.41 -16.84 -2.39
N PHE B 194 -4.16 -16.93 -1.91
CA PHE B 194 -3.36 -15.78 -1.49
C PHE B 194 -2.42 -15.36 -2.61
N ILE B 195 -2.54 -14.13 -3.05
CA ILE B 195 -1.76 -13.61 -4.17
C ILE B 195 -1.01 -12.34 -3.75
N ARG B 196 0.32 -12.43 -3.73
CA ARG B 196 1.20 -11.34 -3.26
C ARG B 196 1.38 -10.23 -4.29
N ALA B 197 1.32 -10.58 -5.58
CA ALA B 197 1.62 -9.64 -6.65
C ALA B 197 1.19 -10.17 -8.00
N TRP B 198 1.01 -9.25 -8.94
CA TRP B 198 0.41 -9.55 -10.21
C TRP B 198 1.31 -8.94 -11.30
N VAL B 199 1.38 -9.60 -12.44
CA VAL B 199 2.10 -9.05 -13.59
C VAL B 199 1.43 -7.73 -13.94
N GLY B 200 2.23 -6.71 -14.20
CA GLY B 200 1.72 -5.35 -14.41
C GLY B 200 1.55 -4.59 -13.10
N GLY B 201 1.77 -5.28 -11.97
CA GLY B 201 1.61 -4.69 -10.64
C GLY B 201 2.89 -4.04 -10.13
N VAL B 202 3.07 -4.04 -8.82
CA VAL B 202 4.24 -3.42 -8.19
C VAL B 202 4.94 -4.32 -7.17
N GLY B 203 4.80 -5.65 -7.35
CA GLY B 203 5.44 -6.61 -6.49
C GLY B 203 6.96 -6.62 -6.60
N ASN B 204 7.46 -6.14 -7.74
CA ASN B 204 8.90 -6.02 -7.99
C ASN B 204 9.55 -4.71 -7.45
N TYR B 205 8.80 -3.97 -6.63
CA TYR B 205 9.31 -2.77 -5.98
C TYR B 205 9.10 -2.93 -4.51
N LYS B 206 9.97 -2.32 -3.72
CA LYS B 206 9.94 -2.47 -2.27
C LYS B 206 9.12 -1.34 -1.65
N LEU B 207 7.84 -1.41 -1.95
CA LEU B 207 6.85 -0.44 -1.53
C LEU B 207 6.09 -1.03 -0.34
N GLY B 208 5.83 -0.19 0.67
CA GLY B 208 5.13 -0.62 1.88
C GLY B 208 3.82 -1.35 1.58
N GLY B 209 3.06 -0.87 0.60
CA GLY B 209 1.76 -1.46 0.27
C GLY B 209 1.75 -2.92 -0.10
N ASN B 210 2.90 -3.48 -0.46
CA ASN B 210 3.04 -4.90 -0.78
C ASN B 210 3.09 -5.77 0.48
N TYR B 211 3.33 -5.15 1.64
CA TYR B 211 3.56 -5.91 2.86
C TYR B 211 2.38 -5.98 3.79
N GLY B 212 1.71 -4.85 4.01
CA GLY B 212 0.59 -4.82 4.92
C GLY B 212 -0.40 -5.95 4.70
N PRO B 213 -0.77 -6.22 3.43
CA PRO B 213 -1.80 -7.24 3.19
C PRO B 213 -1.36 -8.66 3.51
N THR B 214 -0.06 -8.86 3.67
CA THR B 214 0.47 -10.18 3.94
C THR B 214 0.38 -10.55 5.40
N VAL B 215 0.11 -9.57 6.26
CA VAL B 215 0.06 -9.86 7.70
C VAL B 215 -0.99 -10.93 8.02
N LEU B 216 -2.20 -10.74 7.50
CA LEU B 216 -3.27 -11.71 7.71
C LEU B 216 -2.90 -13.10 7.15
N VAL B 217 -2.33 -13.10 5.96
CA VAL B 217 -1.97 -14.34 5.31
C VAL B 217 -1.00 -15.12 6.17
N GLN B 218 0.00 -14.44 6.71
CA GLN B 218 0.97 -15.04 7.58
C GLN B 218 0.30 -15.57 8.86
N GLN B 219 -0.66 -14.86 9.42
CA GLN B 219 -1.41 -15.41 10.56
C GLN B 219 -2.13 -16.69 10.19
N GLU B 220 -2.65 -16.77 8.97
CA GLU B 220 -3.31 -18.00 8.54
C GLU B 220 -2.32 -19.16 8.49
N ALA B 221 -1.10 -18.89 8.04
CA ALA B 221 -0.09 -19.92 7.92
C ALA B 221 0.25 -20.49 9.29
N LEU B 222 0.44 -19.59 10.26
CA LEU B 222 0.67 -19.96 11.67
C LEU B 222 -0.45 -20.82 12.24
N LYS B 223 -1.71 -20.42 12.01
CA LYS B 223 -2.84 -21.21 12.46
C LYS B 223 -2.84 -22.59 11.84
N ARG B 224 -2.30 -22.71 10.64
CA ARG B 224 -2.20 -24.01 9.99
C ARG B 224 -0.84 -24.70 10.26
N GLY B 225 -0.16 -24.29 11.33
CA GLY B 225 1.08 -24.94 11.74
C GLY B 225 2.28 -24.76 10.84
N CYS B 226 2.22 -23.74 9.97
CA CYS B 226 3.33 -23.41 9.09
C CYS B 226 3.96 -22.13 9.60
N GLU B 227 5.22 -21.91 9.25
CA GLU B 227 5.98 -20.77 9.72
C GLU B 227 6.01 -19.60 8.76
N GLN B 228 5.92 -19.88 7.46
CA GLN B 228 6.00 -18.84 6.43
C GLN B 228 5.02 -19.13 5.32
N VAL B 229 4.84 -18.16 4.44
CA VAL B 229 3.94 -18.30 3.29
C VAL B 229 4.75 -18.57 2.02
N LEU B 230 4.34 -19.58 1.26
CA LEU B 230 4.88 -19.80 -0.08
C LEU B 230 3.89 -19.17 -1.04
N TRP B 231 4.33 -18.09 -1.67
CA TRP B 231 3.46 -17.34 -2.56
C TRP B 231 3.43 -18.01 -3.92
N LEU B 232 2.25 -18.47 -4.30
CA LEU B 232 2.05 -19.12 -5.57
C LEU B 232 1.41 -18.13 -6.53
N TYR B 233 1.69 -18.29 -7.82
CA TYR B 233 1.11 -17.40 -8.82
C TYR B 233 0.65 -18.19 -10.01
N GLY B 234 -0.45 -17.73 -10.59
CA GLY B 234 -0.94 -18.25 -11.82
C GLY B 234 -1.67 -19.54 -11.66
N PRO B 235 -2.41 -19.94 -12.72
CA PRO B 235 -3.25 -21.13 -12.71
C PRO B 235 -2.40 -22.42 -12.60
N ASP B 236 -1.11 -22.30 -12.94
CA ASP B 236 -0.17 -23.42 -12.85
C ASP B 236 0.66 -23.36 -11.58
N HIS B 237 0.24 -22.53 -10.61
CA HIS B 237 0.86 -22.52 -9.29
C HIS B 237 2.39 -22.37 -9.30
N GLN B 238 2.88 -21.24 -9.78
CA GLN B 238 4.32 -21.01 -9.82
C GLN B 238 4.80 -20.61 -8.43
N LEU B 239 5.89 -21.18 -7.99
CA LEU B 239 6.51 -20.76 -6.76
C LEU B 239 7.22 -19.44 -7.04
N THR B 240 6.78 -18.35 -6.39
CA THR B 240 7.39 -17.04 -6.64
C THR B 240 8.38 -16.63 -5.55
N GLU B 241 7.87 -16.55 -4.32
CA GLU B 241 8.66 -16.13 -3.16
C GLU B 241 8.19 -16.82 -1.90
N VAL B 242 9.04 -16.80 -0.87
CA VAL B 242 8.66 -17.35 0.42
C VAL B 242 8.78 -16.24 1.44
N GLY B 243 7.62 -15.86 1.97
CA GLY B 243 7.51 -14.80 2.95
C GLY B 243 7.99 -13.54 2.28
N THR B 244 9.05 -12.97 2.83
CA THR B 244 9.72 -11.84 2.22
C THR B 244 11.07 -12.30 1.65
N MET B 245 11.14 -13.55 1.22
CA MET B 245 12.38 -14.07 0.63
C MET B 245 12.20 -14.58 -0.79
N ASN B 246 13.27 -14.50 -1.58
CA ASN B 246 13.28 -15.11 -2.90
C ASN B 246 13.43 -16.60 -2.73
N ILE B 247 13.00 -17.38 -3.71
CA ILE B 247 13.05 -18.82 -3.54
C ILE B 247 14.00 -19.49 -4.52
N PHE B 248 14.83 -20.38 -3.99
CA PHE B 248 15.78 -21.18 -4.79
C PHE B 248 15.51 -22.66 -4.64
N VAL B 249 15.65 -23.39 -5.74
CA VAL B 249 15.58 -24.85 -5.72
C VAL B 249 16.84 -25.45 -6.31
N TYR B 250 17.45 -26.35 -5.55
CA TYR B 250 18.63 -27.06 -5.99
C TYR B 250 18.17 -28.47 -6.31
N TRP B 251 18.08 -28.80 -7.60
CA TRP B 251 17.61 -30.11 -8.02
C TRP B 251 18.31 -30.63 -9.27
N THR B 252 18.05 -31.88 -9.62
CA THR B 252 18.45 -32.43 -10.92
C THR B 252 17.19 -32.24 -11.73
N HIS B 253 17.28 -31.46 -12.81
CA HIS B 253 16.11 -31.07 -13.58
C HIS B 253 15.59 -32.25 -14.44
N GLU B 254 14.42 -32.04 -15.04
CA GLU B 254 13.79 -33.02 -15.92
C GLU B 254 14.65 -33.47 -17.11
N ASP B 255 15.67 -32.69 -17.47
CA ASP B 255 16.59 -33.09 -18.55
C ASP B 255 17.89 -33.69 -17.99
N GLY B 256 17.82 -34.24 -16.78
CA GLY B 256 18.95 -34.92 -16.16
C GLY B 256 20.13 -34.07 -15.69
N VAL B 257 20.08 -32.74 -15.90
CA VAL B 257 21.19 -31.86 -15.51
C VAL B 257 20.95 -31.22 -14.14
N LEU B 258 21.94 -31.34 -13.27
CA LEU B 258 21.90 -30.71 -11.94
C LEU B 258 21.87 -29.20 -12.14
N GLU B 259 20.99 -28.51 -11.41
CA GLU B 259 20.89 -27.05 -11.50
C GLU B 259 20.38 -26.34 -10.24
N LEU B 260 20.68 -25.05 -10.19
CA LEU B 260 20.12 -24.15 -9.21
C LEU B 260 19.20 -23.25 -10.01
N VAL B 261 17.90 -23.29 -9.68
CA VAL B 261 16.90 -22.46 -10.34
C VAL B 261 16.20 -21.50 -9.35
N THR B 262 15.85 -20.32 -9.84
CA THR B 262 15.07 -19.35 -9.07
C THR B 262 14.19 -18.66 -10.10
N PRO B 263 12.98 -18.26 -9.71
CA PRO B 263 12.07 -17.71 -10.72
C PRO B 263 12.62 -16.44 -11.33
N PRO B 264 12.30 -16.17 -12.60
CA PRO B 264 12.87 -14.99 -13.25
C PRO B 264 12.17 -13.72 -12.87
N LEU B 265 12.80 -12.59 -13.15
CA LEU B 265 12.25 -11.29 -12.82
C LEU B 265 11.22 -10.86 -13.85
N ASN B 266 10.04 -11.44 -13.78
CA ASN B 266 8.99 -11.18 -14.76
C ASN B 266 7.94 -10.22 -14.25
N GLY B 267 8.16 -9.67 -13.05
CA GLY B 267 7.25 -8.66 -12.50
C GLY B 267 6.67 -8.96 -11.13
N VAL B 268 6.52 -10.24 -10.79
CA VAL B 268 5.95 -10.59 -9.50
C VAL B 268 7.02 -10.97 -8.48
N ILE B 269 8.29 -10.86 -8.85
CA ILE B 269 9.43 -11.23 -7.99
C ILE B 269 10.19 -9.98 -7.62
N LEU B 270 10.49 -9.80 -6.33
CA LEU B 270 11.31 -8.68 -5.88
C LEU B 270 12.75 -9.11 -6.18
N PRO B 271 13.51 -8.27 -6.90
CA PRO B 271 14.90 -8.63 -7.23
C PRO B 271 15.80 -8.44 -6.07
N GLY B 272 15.92 -9.49 -5.28
CA GLY B 272 16.76 -9.50 -4.09
C GLY B 272 18.22 -9.27 -4.39
N VAL B 273 18.90 -8.70 -3.41
CA VAL B 273 20.33 -8.49 -3.47
C VAL B 273 21.02 -9.82 -3.17
N VAL B 274 20.53 -10.53 -2.16
CA VAL B 274 21.08 -11.83 -1.82
C VAL B 274 20.78 -12.78 -3.00
N ARG B 275 19.56 -12.77 -3.51
CA ARG B 275 19.23 -13.57 -4.69
C ARG B 275 20.28 -13.45 -5.81
N GLN B 276 20.62 -12.21 -6.15
CA GLN B 276 21.53 -11.93 -7.25
C GLN B 276 22.92 -12.41 -6.87
N SER B 277 23.26 -12.29 -5.59
CA SER B 277 24.54 -12.71 -5.11
C SER B 277 24.72 -14.22 -5.09
N LEU B 278 23.63 -14.96 -4.86
CA LEU B 278 23.70 -16.41 -4.91
C LEU B 278 23.82 -16.84 -6.38
N LEU B 279 23.10 -16.14 -7.26
CA LEU B 279 23.24 -16.42 -8.68
C LEU B 279 24.66 -16.12 -9.14
N ASP B 280 25.21 -14.98 -8.73
CA ASP B 280 26.58 -14.62 -9.08
C ASP B 280 27.59 -15.68 -8.57
N MET B 281 27.58 -15.97 -7.26
CA MET B 281 28.49 -16.98 -6.70
C MET B 281 28.47 -18.32 -7.44
N ALA B 282 27.29 -18.89 -7.59
CA ALA B 282 27.11 -20.19 -8.22
C ALA B 282 27.66 -20.23 -9.64
N GLN B 283 27.33 -19.20 -10.42
CA GLN B 283 27.86 -19.06 -11.78
C GLN B 283 29.37 -19.04 -11.75
N THR B 284 29.94 -18.18 -10.92
CA THR B 284 31.40 -18.05 -10.85
C THR B 284 32.07 -19.41 -10.65
N TRP B 285 31.49 -20.26 -9.80
CA TRP B 285 32.01 -21.61 -9.57
C TRP B 285 31.99 -22.49 -10.81
N GLY B 286 30.97 -22.34 -11.66
CA GLY B 286 30.85 -23.13 -12.87
C GLY B 286 30.61 -24.63 -12.68
N GLU B 287 30.38 -25.07 -11.44
CA GLU B 287 30.21 -26.50 -11.16
C GLU B 287 28.85 -27.10 -11.58
N PHE B 288 27.83 -26.26 -11.80
CA PHE B 288 26.49 -26.75 -12.21
C PHE B 288 25.70 -25.65 -12.90
N ARG B 289 24.61 -26.03 -13.56
CA ARG B 289 23.81 -25.06 -14.28
C ARG B 289 23.11 -24.09 -13.30
N VAL B 290 23.14 -22.80 -13.64
CA VAL B 290 22.47 -21.75 -12.90
C VAL B 290 21.50 -21.04 -13.85
N VAL B 291 20.21 -21.12 -13.53
CA VAL B 291 19.20 -20.63 -14.45
C VAL B 291 18.07 -19.92 -13.72
N GLU B 292 17.47 -18.98 -14.42
CA GLU B 292 16.30 -18.28 -13.94
C GLU B 292 15.12 -18.80 -14.75
N ARG B 293 14.24 -19.55 -14.09
CA ARG B 293 13.10 -20.17 -14.78
C ARG B 293 11.89 -20.35 -13.86
N THR B 294 10.72 -20.25 -14.45
CA THR B 294 9.48 -20.56 -13.76
C THR B 294 9.55 -21.94 -13.08
N ILE B 295 9.06 -22.03 -11.84
CA ILE B 295 9.00 -23.29 -11.10
C ILE B 295 7.53 -23.48 -10.69
N THR B 296 6.93 -24.60 -11.09
CA THR B 296 5.54 -24.89 -10.76
C THR B 296 5.52 -25.98 -9.72
N MET B 297 4.40 -26.09 -9.01
CA MET B 297 4.22 -27.15 -8.04
C MET B 297 4.25 -28.49 -8.77
N LYS B 298 3.66 -28.53 -9.97
CA LYS B 298 3.67 -29.73 -10.80
C LYS B 298 5.10 -30.24 -10.95
N GLN B 299 6.01 -29.38 -11.38
CA GLN B 299 7.41 -29.76 -11.52
C GLN B 299 8.04 -30.16 -10.20
N LEU B 300 7.69 -29.47 -9.13
CA LEU B 300 8.29 -29.77 -7.83
C LEU B 300 7.86 -31.15 -7.36
N LEU B 301 6.58 -31.48 -7.51
CA LEU B 301 6.07 -32.78 -7.08
C LEU B 301 6.75 -33.94 -7.80
N ARG B 302 6.70 -33.93 -9.13
CA ARG B 302 7.39 -34.94 -9.93
C ARG B 302 8.84 -35.10 -9.47
N ALA B 303 9.54 -33.98 -9.34
CA ALA B 303 10.93 -33.97 -8.87
C ALA B 303 11.08 -34.56 -7.47
N LEU B 304 10.12 -34.29 -6.60
CA LEU B 304 10.17 -34.84 -5.24
C LEU B 304 9.93 -36.36 -5.28
N GLU B 305 8.89 -36.79 -5.99
CA GLU B 305 8.60 -38.23 -6.11
C GLU B 305 9.73 -39.00 -6.78
N GLU B 306 10.38 -38.39 -7.78
CA GLU B 306 11.51 -39.02 -8.47
C GLU B 306 12.87 -38.83 -7.75
N GLY B 307 12.87 -38.18 -6.59
CA GLY B 307 14.06 -37.99 -5.76
C GLY B 307 15.10 -37.02 -6.31
N ARG B 308 14.70 -36.13 -7.23
CA ARG B 308 15.67 -35.22 -7.85
C ARG B 308 15.93 -33.90 -7.09
N VAL B 309 15.13 -33.63 -6.05
CA VAL B 309 15.26 -32.39 -5.27
C VAL B 309 16.27 -32.59 -4.18
N ARG B 310 17.25 -31.70 -4.12
CA ARG B 310 18.26 -31.74 -3.08
C ARG B 310 18.01 -30.68 -2.00
N GLU B 311 17.81 -29.43 -2.40
CA GLU B 311 17.59 -28.34 -1.43
C GLU B 311 16.59 -27.30 -1.93
N VAL B 312 15.83 -26.72 -1.00
CA VAL B 312 14.95 -25.59 -1.26
C VAL B 312 15.20 -24.60 -0.18
N PHE B 313 15.41 -23.34 -0.57
CA PHE B 313 15.64 -22.32 0.44
C PHE B 313 15.16 -20.96 -0.02
N GLY B 314 15.08 -20.06 0.94
CA GLY B 314 14.74 -18.71 0.67
C GLY B 314 16.00 -17.88 0.81
N SER B 315 16.02 -16.71 0.16
CA SER B 315 17.11 -15.74 0.31
C SER B 315 16.56 -14.33 0.61
N GLY B 316 17.27 -13.61 1.48
CA GLY B 316 16.90 -12.24 1.78
C GLY B 316 17.86 -11.72 2.81
N THR B 317 18.00 -10.41 2.90
CA THR B 317 18.93 -9.77 3.86
C THR B 317 18.81 -10.23 5.34
N ALA B 318 17.58 -10.38 5.84
CA ALA B 318 17.37 -10.75 7.26
C ALA B 318 17.78 -12.17 7.55
N CYS B 319 17.38 -13.05 6.65
CA CYS B 319 17.71 -14.44 6.77
C CYS B 319 18.33 -14.79 5.46
N GLN B 320 19.66 -14.67 5.39
CA GLN B 320 20.37 -14.79 4.12
C GLN B 320 20.10 -16.04 3.33
N VAL B 321 20.13 -17.20 3.98
CA VAL B 321 19.82 -18.45 3.30
C VAL B 321 19.01 -19.25 4.32
N CYS B 322 17.75 -19.53 3.99
CA CYS B 322 16.81 -20.13 4.92
C CYS B 322 16.29 -21.47 4.41
N PRO B 323 16.75 -22.56 5.02
CA PRO B 323 16.31 -23.88 4.56
C PRO B 323 14.80 -24.07 4.66
N VAL B 324 14.23 -24.78 3.69
CA VAL B 324 12.82 -25.16 3.70
C VAL B 324 12.78 -26.70 3.74
N HIS B 325 11.95 -27.26 4.62
CA HIS B 325 11.81 -28.72 4.75
C HIS B 325 10.36 -29.24 4.60
N ARG B 326 9.38 -28.34 4.63
CA ARG B 326 8.00 -28.78 4.53
C ARG B 326 7.18 -27.76 3.81
N ILE B 327 6.35 -28.23 2.89
CA ILE B 327 5.39 -27.38 2.22
C ILE B 327 4.02 -28.03 2.34
N LEU B 328 3.10 -27.31 2.99
CA LEU B 328 1.73 -27.76 3.19
C LEU B 328 0.95 -27.25 1.99
N TYR B 329 0.68 -28.15 1.06
CA TYR B 329 0.01 -27.86 -0.21
C TYR B 329 -1.20 -28.76 -0.40
N LYS B 330 -2.36 -28.16 -0.68
CA LYS B 330 -3.60 -28.92 -0.83
C LYS B 330 -3.86 -29.80 0.38
N ASP B 331 -3.82 -29.19 1.56
CA ASP B 331 -4.07 -29.86 2.85
C ASP B 331 -3.15 -31.06 3.19
N ARG B 332 -2.16 -31.35 2.35
CA ARG B 332 -1.25 -32.48 2.59
C ARG B 332 0.21 -31.98 2.60
N ASN B 333 0.97 -32.44 3.59
CA ASN B 333 2.38 -32.04 3.75
C ASN B 333 3.34 -32.71 2.77
N LEU B 334 4.20 -31.88 2.18
CA LEU B 334 5.25 -32.32 1.28
C LEU B 334 6.53 -32.17 2.08
N HIS B 335 7.31 -33.23 2.13
CA HIS B 335 8.57 -33.16 2.81
C HIS B 335 9.63 -32.72 1.80
N ILE B 336 10.49 -31.80 2.23
CA ILE B 336 11.56 -31.29 1.39
C ILE B 336 12.86 -31.74 2.04
N PRO B 337 13.64 -32.55 1.34
CA PRO B 337 14.82 -33.18 1.96
C PRO B 337 16.05 -32.26 2.02
N THR B 338 15.80 -30.98 2.24
CA THR B 338 16.86 -30.00 2.27
C THR B 338 17.88 -30.35 3.34
N MET B 339 17.41 -30.60 4.56
CA MET B 339 18.32 -30.83 5.69
C MET B 339 19.09 -32.15 5.63
N GLU B 340 18.56 -33.11 4.87
CA GLU B 340 19.20 -34.40 4.68
C GLU B 340 20.37 -34.30 3.74
N ASN B 341 20.25 -33.39 2.78
CA ASN B 341 21.24 -33.22 1.74
C ASN B 341 22.35 -32.26 2.14
N GLY B 342 22.53 -32.13 3.45
CA GLY B 342 23.60 -31.34 4.02
C GLY B 342 23.08 -30.41 5.09
N PRO B 343 22.50 -29.27 4.68
CA PRO B 343 22.33 -28.83 3.30
C PRO B 343 23.65 -28.28 2.74
N GLU B 344 24.25 -29.00 1.80
CA GLU B 344 25.59 -28.66 1.28
C GLU B 344 25.63 -27.30 0.60
N LEU B 345 24.76 -27.07 -0.37
CA LEU B 345 24.77 -25.79 -1.09
C LEU B 345 24.50 -24.61 -0.15
N ILE B 346 23.50 -24.77 0.71
CA ILE B 346 23.15 -23.74 1.69
C ILE B 346 24.34 -23.37 2.52
N LEU B 347 24.96 -24.37 3.15
CA LEU B 347 26.13 -24.14 4.02
C LEU B 347 27.30 -23.53 3.27
N ARG B 348 27.49 -23.97 2.03
CA ARG B 348 28.53 -23.41 1.17
C ARG B 348 28.21 -21.95 0.84
N PHE B 349 26.95 -21.67 0.51
CA PHE B 349 26.57 -20.28 0.26
C PHE B 349 26.83 -19.43 1.50
N GLN B 350 26.37 -19.94 2.64
CA GLN B 350 26.56 -19.24 3.91
C GLN B 350 28.03 -18.98 4.25
N LYS B 351 28.86 -20.00 4.06
CA LYS B 351 30.28 -19.87 4.38
C LYS B 351 30.94 -18.75 3.56
N GLU B 352 30.75 -18.76 2.24
CA GLU B 352 31.38 -17.76 1.37
C GLU B 352 30.88 -16.33 1.68
N LEU B 353 29.56 -16.16 1.79
CA LEU B 353 28.95 -14.88 2.17
C LEU B 353 29.51 -14.38 3.49
N LYS B 354 29.60 -15.27 4.47
CA LYS B 354 30.23 -14.87 5.73
C LYS B 354 31.68 -14.41 5.52
N GLU B 355 32.46 -15.18 4.76
CA GLU B 355 33.88 -14.81 4.50
C GLU B 355 33.98 -13.43 3.84
N ILE B 356 33.10 -13.19 2.86
CA ILE B 356 33.07 -11.92 2.15
C ILE B 356 32.58 -10.79 3.07
N GLN B 357 31.43 -10.98 3.68
CA GLN B 357 30.79 -9.98 4.53
C GLN B 357 31.63 -9.55 5.73
N TYR B 358 32.27 -10.51 6.39
CA TYR B 358 33.12 -10.20 7.54
C TYR B 358 34.58 -9.86 7.17
N GLY B 359 34.88 -9.80 5.87
CA GLY B 359 36.17 -9.40 5.36
C GLY B 359 37.31 -10.39 5.37
N ILE B 360 37.00 -11.69 5.46
CA ILE B 360 38.00 -12.72 5.46
C ILE B 360 38.61 -12.83 4.05
N ARG B 361 37.75 -12.66 3.05
CA ARG B 361 38.16 -12.55 1.67
C ARG B 361 37.81 -11.14 1.25
N ALA B 362 38.78 -10.48 0.63
CA ALA B 362 38.55 -9.17 0.08
C ALA B 362 37.63 -9.33 -1.09
N HIS B 363 36.75 -8.37 -1.31
CA HIS B 363 35.75 -8.47 -2.36
C HIS B 363 35.15 -7.10 -2.65
N GLU B 364 34.93 -6.84 -3.94
CA GLU B 364 34.35 -5.58 -4.39
C GLU B 364 32.88 -5.41 -3.95
N TRP B 365 32.28 -6.49 -3.45
CA TRP B 365 30.90 -6.47 -3.02
C TRP B 365 30.76 -5.64 -1.77
N MET B 366 31.85 -5.54 -0.98
CA MET B 366 31.80 -4.83 0.30
C MET B 366 32.23 -3.38 0.13
N PHE B 367 31.59 -2.51 0.91
CA PHE B 367 31.79 -1.08 0.89
C PHE B 367 32.18 -0.74 2.31
N PRO B 368 33.39 -0.24 2.49
CA PRO B 368 33.83 0.03 3.86
C PRO B 368 33.21 1.27 4.46
N VAL B 369 32.89 1.21 5.75
CA VAL B 369 32.41 2.37 6.49
C VAL B 369 33.60 3.04 7.18
#